data_7PJI
#
_entry.id   7PJI
#
_cell.length_a   120.947
_cell.length_b   120.947
_cell.length_c   145.487
_cell.angle_alpha   90.000
_cell.angle_beta   90.000
_cell.angle_gamma   90.000
#
_symmetry.space_group_name_H-M   'I 4'
#
loop_
_entity.id
_entity.type
_entity.pdbx_description
1 polymer "Inosine-5'-monophosphate dehydrogenase"
2 non-polymer "ADENOSINE-5'-TRIPHOSPHATE"
3 non-polymer "GUANOSINE-5'-DIPHOSPHATE"
4 non-polymer 'INOSINIC ACID'
5 non-polymer 'MAGNESIUM ION'
6 non-polymer 'POTASSIUM ION'
7 non-polymer 'ACETATE ION'
8 water water
#
_entity_poly.entity_id   1
_entity_poly.type   'polypeptide(L)'
_entity_poly.pdbx_seq_one_letter_code
;GSHMLRISQEALTFDDVLLIPGYSEVLPKDVSLKTRLTRGIELNIPLVSAAMDTVTEARLAIAMAQEGGIGIIHKNMGIE
QQAAEVRKVKKHETAIVRDPVTVTPSTKIIELLQMAREYGFSGFPVVEQGELVGIVTGRDLRVKPNAGDTVAAIMTPKDK
LVTAREGTPLEEMKAKLYENRIEKMLVVDENFYLRGLVTFRDIEKAKTYPLASKDEQGRLRVGAAVGTGADTGERVAALV
AAGVDVVVVDTAHGHSKGVIERVRWVKQTFPDVQVIGGNIATAEAAKALAEAGADAVKVGIGPGSICTTRIVAGVGVPQI
SAIANVAAALEGTGVPLIADGGIRFSGDLAKAMVAGAYCVMMGSMFAGTEEAPGEIELFQGRSYKSYRGMGSLGAMSGSQ
GSSDRYFQDASAGAEKLVPEGIEGRVPYKGALSAIVHQLMGGLRAAMGYTGSADIQQMRTQPQFVRITGAGMAESHVHDV
QITKEAPNYRVG
;
_entity_poly.pdbx_strand_id   A,B
#
loop_
_chem_comp.id
_chem_comp.type
_chem_comp.name
_chem_comp.formula
ACT non-polymer 'ACETATE ION' 'C2 H3 O2 -1'
ATP non-polymer ADENOSINE-5'-TRIPHOSPHATE 'C10 H16 N5 O13 P3'
GDP RNA linking GUANOSINE-5'-DIPHOSPHATE 'C10 H15 N5 O11 P2'
IMP non-polymer 'INOSINIC ACID' 'C10 H13 N4 O8 P'
K non-polymer 'POTASSIUM ION' 'K 1'
MG non-polymer 'MAGNESIUM ION' 'Mg 2'
#
# COMPACT_ATOMS: atom_id res chain seq x y z
N MET A 4 47.42 -14.23 -2.28
CA MET A 4 46.38 -13.97 -1.24
C MET A 4 45.16 -14.90 -1.42
N LEU A 5 44.65 -15.43 -0.32
CA LEU A 5 43.38 -16.15 -0.33
C LEU A 5 42.24 -15.13 -0.39
N ARG A 6 41.45 -15.18 -1.46
CA ARG A 6 40.54 -14.09 -1.79
C ARG A 6 39.17 -14.34 -1.18
N ILE A 7 39.00 -13.88 0.06
CA ILE A 7 37.74 -14.03 0.79
C ILE A 7 37.05 -12.67 0.83
N SER A 8 35.84 -12.60 0.28
CA SER A 8 35.12 -11.33 0.19
C SER A 8 34.46 -10.94 1.51
N GLN A 9 33.84 -11.90 2.19
CA GLN A 9 33.17 -11.63 3.46
C GLN A 9 32.92 -12.95 4.19
N GLU A 10 32.54 -12.84 5.46
CA GLU A 10 31.88 -13.92 6.17
C GLU A 10 30.39 -13.82 5.87
N ALA A 11 29.76 -14.94 5.51
CA ALA A 11 28.36 -14.95 5.12
C ALA A 11 27.57 -15.85 6.07
N LEU A 12 26.35 -15.42 6.39
CA LEU A 12 25.54 -16.04 7.41
C LEU A 12 24.30 -16.68 6.81
N THR A 13 23.86 -17.76 7.46
CA THR A 13 22.61 -18.43 7.10
C THR A 13 21.63 -18.35 8.28
N PHE A 14 20.46 -18.98 8.10
CA PHE A 14 19.38 -18.80 9.06
C PHE A 14 19.77 -19.20 10.48
N ASP A 15 20.48 -20.31 10.64
CA ASP A 15 20.79 -20.78 11.98
C ASP A 15 21.88 -19.97 12.66
N ASP A 16 22.44 -18.99 11.97
CA ASP A 16 23.45 -18.12 12.55
C ASP A 16 22.87 -16.92 13.29
N VAL A 17 21.57 -16.65 13.16
CA VAL A 17 20.99 -15.43 13.69
C VAL A 17 19.63 -15.70 14.31
N LEU A 18 19.25 -14.80 15.22
CA LEU A 18 17.93 -14.76 15.83
C LEU A 18 17.43 -13.34 15.85
N LEU A 19 16.10 -13.17 15.77
CA LEU A 19 15.47 -11.86 15.84
C LEU A 19 15.38 -11.39 17.29
N ILE A 20 15.67 -10.11 17.52
CA ILE A 20 15.63 -9.55 18.86
C ILE A 20 14.22 -9.04 19.12
N PRO A 21 13.58 -9.43 20.22
CA PRO A 21 12.25 -8.89 20.53
C PRO A 21 12.31 -7.39 20.71
N GLY A 22 11.25 -6.66 20.36
CA GLY A 22 11.17 -5.21 20.54
C GLY A 22 9.84 -4.82 21.14
N TYR A 23 9.69 -3.61 21.74
CA TYR A 23 8.46 -3.05 22.30
C TYR A 23 7.39 -3.21 21.23
N SER A 24 6.24 -3.78 21.56
CA SER A 24 5.20 -4.05 20.55
C SER A 24 3.82 -3.61 21.01
N GLU A 25 3.00 -3.08 20.09
CA GLU A 25 1.63 -2.72 20.37
C GLU A 25 0.60 -3.46 19.51
N VAL A 26 1.02 -4.23 18.52
CA VAL A 26 0.09 -4.86 17.60
C VAL A 26 0.21 -6.37 17.76
N LEU A 27 -0.93 -7.01 17.88
CA LEU A 27 -0.99 -8.43 18.11
C LEU A 27 -0.77 -9.19 16.81
N PRO A 28 -0.19 -10.39 16.89
CA PRO A 28 0.03 -11.16 15.65
C PRO A 28 -1.21 -11.25 14.79
N LYS A 29 -2.38 -11.44 15.39
CA LYS A 29 -3.59 -11.58 14.60
C LYS A 29 -3.91 -10.32 13.81
N ASP A 30 -3.34 -9.17 14.18
CA ASP A 30 -3.72 -7.90 13.60
C ASP A 30 -2.70 -7.34 12.61
N VAL A 31 -1.51 -7.93 12.49
CA VAL A 31 -0.51 -7.41 11.57
C VAL A 31 -0.95 -7.66 10.12
N SER A 32 -0.33 -6.93 9.20
CA SER A 32 -0.57 -7.09 7.77
C SER A 32 0.54 -7.90 7.14
N LEU A 33 0.17 -8.87 6.30
CA LEU A 33 1.13 -9.71 5.59
C LEU A 33 1.22 -9.38 4.11
N LYS A 34 0.51 -8.35 3.66
CA LYS A 34 0.50 -7.98 2.25
C LYS A 34 1.90 -7.56 1.81
N THR A 35 2.27 -7.96 0.60
CA THR A 35 3.60 -7.65 0.05
C THR A 35 3.49 -7.64 -1.47
N ARG A 36 4.65 -7.71 -2.14
CA ARG A 36 4.73 -7.75 -3.60
C ARG A 36 5.56 -8.93 -4.06
N LEU A 37 5.10 -9.56 -5.14
CA LEU A 37 5.93 -10.54 -5.85
C LEU A 37 6.83 -9.86 -6.86
N THR A 38 6.28 -8.90 -7.59
CA THR A 38 7.00 -8.18 -8.64
C THR A 38 6.56 -6.73 -8.57
N ARG A 39 7.15 -5.91 -9.44
CA ARG A 39 6.72 -4.51 -9.53
C ARG A 39 5.20 -4.39 -9.61
N GLY A 40 4.59 -5.23 -10.44
CA GLY A 40 3.17 -5.13 -10.74
C GLY A 40 2.25 -6.13 -10.08
N ILE A 41 2.77 -7.11 -9.35
CA ILE A 41 1.92 -8.13 -8.74
C ILE A 41 2.03 -8.06 -7.23
N GLU A 42 0.88 -7.91 -6.58
CA GLU A 42 0.76 -7.93 -5.13
C GLU A 42 0.34 -9.30 -4.63
N LEU A 43 0.78 -9.62 -3.42
CA LEU A 43 0.40 -10.86 -2.75
C LEU A 43 -0.13 -10.52 -1.35
N ASN A 44 -1.18 -11.22 -0.95
CA ASN A 44 -1.71 -11.01 0.39
C ASN A 44 -0.93 -11.78 1.45
N ILE A 45 -0.18 -12.82 1.05
CA ILE A 45 0.80 -13.45 1.94
C ILE A 45 2.10 -13.65 1.19
N PRO A 46 3.24 -13.65 1.88
CA PRO A 46 4.55 -13.68 1.21
C PRO A 46 5.03 -15.09 0.86
N LEU A 47 4.21 -15.86 0.15
CA LEU A 47 4.53 -17.25 -0.14
C LEU A 47 4.41 -17.55 -1.62
N VAL A 48 5.42 -18.22 -2.15
CA VAL A 48 5.48 -18.66 -3.54
C VAL A 48 5.86 -20.14 -3.54
N SER A 49 5.18 -20.94 -4.36
CA SER A 49 5.56 -22.34 -4.50
C SER A 49 6.54 -22.52 -5.66
N ALA A 50 7.47 -23.43 -5.46
CA ALA A 50 8.61 -23.58 -6.35
C ALA A 50 8.22 -24.24 -7.67
N ALA A 51 9.01 -23.96 -8.71
CA ALA A 51 8.76 -24.46 -10.05
C ALA A 51 9.43 -25.83 -10.21
N MET A 52 8.89 -26.80 -9.49
CA MET A 52 9.41 -28.16 -9.45
C MET A 52 8.31 -29.14 -9.79
N ASP A 53 8.67 -30.23 -10.50
CA ASP A 53 7.68 -31.18 -10.97
C ASP A 53 7.12 -32.05 -9.85
N THR A 54 7.62 -31.91 -8.64
CA THR A 54 7.02 -32.53 -7.47
C THR A 54 6.30 -31.52 -6.58
N VAL A 55 6.12 -30.28 -7.05
CA VAL A 55 5.52 -29.24 -6.22
C VAL A 55 4.36 -28.55 -6.91
N THR A 56 4.61 -27.87 -8.04
CA THR A 56 3.60 -26.98 -8.63
C THR A 56 3.21 -27.38 -10.04
N GLU A 57 1.98 -27.88 -10.18
CA GLU A 57 1.25 -27.90 -11.44
C GLU A 57 -0.02 -27.11 -11.16
N ALA A 58 -1.04 -27.23 -12.01
CA ALA A 58 -2.19 -26.34 -11.89
C ALA A 58 -2.88 -26.49 -10.54
N ARG A 59 -3.04 -27.72 -10.07
CA ARG A 59 -3.83 -27.95 -8.86
C ARG A 59 -3.25 -27.19 -7.67
N LEU A 60 -1.94 -27.29 -7.47
CA LEU A 60 -1.33 -26.58 -6.35
C LEU A 60 -1.23 -25.08 -6.60
N ALA A 61 -1.04 -24.67 -7.85
CA ALA A 61 -1.00 -23.25 -8.15
C ALA A 61 -2.33 -22.58 -7.84
N ILE A 62 -3.43 -23.28 -8.10
CA ILE A 62 -4.75 -22.75 -7.75
C ILE A 62 -4.85 -22.56 -6.25
N ALA A 63 -4.45 -23.58 -5.49
CA ALA A 63 -4.53 -23.48 -4.04
C ALA A 63 -3.67 -22.34 -3.50
N MET A 64 -2.46 -22.17 -4.03
CA MET A 64 -1.59 -21.11 -3.53
C MET A 64 -2.20 -19.74 -3.78
N ALA A 65 -2.78 -19.53 -4.97
CA ALA A 65 -3.40 -18.24 -5.29
C ALA A 65 -4.58 -17.99 -4.37
N GLN A 66 -5.39 -19.01 -4.11
CA GLN A 66 -6.53 -18.86 -3.21
C GLN A 66 -6.08 -18.47 -1.80
N GLU A 67 -4.91 -18.94 -1.38
CA GLU A 67 -4.38 -18.61 -0.06
C GLU A 67 -3.81 -17.20 0.00
N GLY A 68 -3.67 -16.53 -1.14
CA GLY A 68 -3.08 -15.21 -1.18
C GLY A 68 -1.65 -15.18 -1.66
N GLY A 69 -1.10 -16.32 -2.07
CA GLY A 69 0.22 -16.38 -2.64
C GLY A 69 0.17 -16.65 -4.14
N ILE A 70 1.11 -17.44 -4.65
CA ILE A 70 1.14 -17.74 -6.08
C ILE A 70 2.01 -18.96 -6.28
N GLY A 71 1.72 -19.70 -7.35
CA GLY A 71 2.54 -20.83 -7.75
C GLY A 71 3.23 -20.56 -9.08
N ILE A 72 4.43 -21.10 -9.23
CA ILE A 72 5.16 -21.04 -10.50
C ILE A 72 5.15 -22.44 -11.10
N ILE A 73 4.43 -22.61 -12.20
CA ILE A 73 4.32 -23.92 -12.84
C ILE A 73 5.67 -24.31 -13.43
N HIS A 74 6.07 -25.55 -13.20
CA HIS A 74 7.39 -26.00 -13.63
C HIS A 74 7.43 -26.22 -15.14
N LYS A 75 8.65 -26.34 -15.66
CA LYS A 75 8.87 -26.41 -17.10
C LYS A 75 9.38 -27.75 -17.60
N ASN A 76 9.52 -28.77 -16.73
CA ASN A 76 9.89 -30.15 -17.17
C ASN A 76 8.65 -30.83 -17.77
N MET A 77 8.17 -30.35 -18.92
CA MET A 77 6.98 -30.84 -19.66
C MET A 77 6.92 -30.14 -21.03
N GLY A 78 6.04 -30.58 -21.92
CA GLY A 78 5.93 -30.00 -23.27
C GLY A 78 5.37 -28.59 -23.24
N ILE A 79 5.76 -27.74 -24.19
CA ILE A 79 5.30 -26.33 -24.32
C ILE A 79 3.77 -26.26 -24.18
N GLU A 80 3.03 -26.99 -25.02
CA GLU A 80 1.57 -26.97 -24.99
C GLU A 80 1.04 -27.46 -23.66
N GLN A 81 1.70 -28.46 -23.06
CA GLN A 81 1.25 -28.97 -21.78
C GLN A 81 1.43 -27.93 -20.68
N GLN A 82 2.54 -27.19 -20.71
CA GLN A 82 2.72 -26.14 -19.71
C GLN A 82 1.71 -25.01 -19.91
N ALA A 83 1.51 -24.59 -21.15
CA ALA A 83 0.48 -23.57 -21.42
C ALA A 83 -0.88 -24.03 -20.92
N ALA A 84 -1.20 -25.31 -21.09
CA ALA A 84 -2.50 -25.83 -20.66
C ALA A 84 -2.63 -25.82 -19.15
N GLU A 85 -1.53 -26.07 -18.41
CA GLU A 85 -1.59 -25.94 -16.95
C GLU A 85 -1.88 -24.51 -16.56
N VAL A 86 -1.22 -23.54 -17.20
CA VAL A 86 -1.52 -22.13 -16.96
C VAL A 86 -3.00 -21.87 -17.20
N ARG A 87 -3.51 -22.33 -18.33
CA ARG A 87 -4.91 -22.11 -18.68
C ARG A 87 -5.84 -22.67 -17.62
N LYS A 88 -5.52 -23.85 -17.08
CA LYS A 88 -6.34 -24.41 -16.00
C LYS A 88 -6.46 -23.44 -14.83
N VAL A 89 -5.35 -22.79 -14.47
CA VAL A 89 -5.40 -21.87 -13.34
C VAL A 89 -6.21 -20.63 -13.70
N LYS A 90 -5.98 -20.07 -14.90
CA LYS A 90 -6.65 -18.84 -15.28
C LYS A 90 -8.15 -19.05 -15.46
N LYS A 91 -8.57 -20.23 -15.88
CA LYS A 91 -9.98 -20.53 -16.13
C LYS A 91 -10.67 -21.10 -14.90
N HIS A 92 -9.95 -21.29 -13.79
CA HIS A 92 -10.57 -21.87 -12.62
C HIS A 92 -11.72 -21.00 -12.13
N GLU A 93 -11.52 -19.69 -12.05
CA GLU A 93 -12.59 -18.79 -11.68
C GLU A 93 -12.39 -17.47 -12.40
N THR A 94 -13.42 -16.64 -12.38
CA THR A 94 -13.38 -15.35 -13.04
C THR A 94 -14.53 -14.50 -12.51
N ALA A 95 -14.43 -13.19 -12.74
CA ALA A 95 -15.56 -12.33 -12.46
C ALA A 95 -16.70 -12.58 -13.44
N ILE A 96 -16.36 -12.77 -14.71
CA ILE A 96 -17.34 -13.08 -15.75
C ILE A 96 -16.65 -13.91 -16.82
N VAL A 97 -17.29 -15.00 -17.25
CA VAL A 97 -16.79 -15.79 -18.36
C VAL A 97 -17.12 -15.05 -19.64
N ARG A 98 -16.11 -14.47 -20.29
CA ARG A 98 -16.32 -13.63 -21.46
C ARG A 98 -16.34 -14.42 -22.77
N ASP A 99 -15.75 -15.61 -22.81
CA ASP A 99 -15.75 -16.46 -24.01
C ASP A 99 -16.33 -17.83 -23.65
N PRO A 100 -17.56 -17.87 -23.12
CA PRO A 100 -18.12 -19.15 -22.71
C PRO A 100 -18.33 -20.09 -23.89
N VAL A 101 -18.15 -21.39 -23.64
CA VAL A 101 -18.43 -22.38 -24.65
C VAL A 101 -19.92 -22.36 -24.97
N THR A 102 -20.26 -22.27 -26.25
CA THR A 102 -21.65 -22.23 -26.69
C THR A 102 -21.95 -23.44 -27.57
N VAL A 103 -23.23 -23.78 -27.69
CA VAL A 103 -23.69 -24.86 -28.56
C VAL A 103 -24.81 -24.33 -29.44
N THR A 104 -25.24 -25.16 -30.37
CA THR A 104 -26.31 -24.81 -31.28
C THR A 104 -27.56 -25.61 -30.97
N PRO A 105 -28.73 -25.13 -31.38
CA PRO A 105 -29.96 -25.87 -31.07
C PRO A 105 -29.91 -27.30 -31.58
N SER A 106 -29.23 -27.53 -32.69
CA SER A 106 -29.21 -28.84 -33.34
C SER A 106 -28.12 -29.74 -32.80
N THR A 107 -27.30 -29.28 -31.87
CA THR A 107 -26.32 -30.15 -31.23
C THR A 107 -27.05 -31.30 -30.52
N LYS A 108 -26.52 -32.51 -30.70
CA LYS A 108 -27.18 -33.68 -30.12
C LYS A 108 -26.92 -33.74 -28.62
N ILE A 109 -27.95 -34.14 -27.88
CA ILE A 109 -27.83 -34.16 -26.42
C ILE A 109 -26.72 -35.11 -25.98
N ILE A 110 -26.59 -36.25 -26.65
CA ILE A 110 -25.62 -37.25 -26.21
C ILE A 110 -24.19 -36.72 -26.40
N GLU A 111 -23.95 -35.98 -27.48
CA GLU A 111 -22.64 -35.33 -27.64
C GLU A 111 -22.40 -34.34 -26.52
N LEU A 112 -23.40 -33.48 -26.24
CA LEU A 112 -23.22 -32.47 -25.20
C LEU A 112 -22.92 -33.12 -23.85
N LEU A 113 -23.58 -34.23 -23.54
CA LEU A 113 -23.32 -34.92 -22.29
C LEU A 113 -21.84 -35.29 -22.15
N GLN A 114 -21.23 -35.75 -23.23
CA GLN A 114 -19.82 -36.11 -23.17
C GLN A 114 -18.93 -34.88 -23.02
N MET A 115 -19.26 -33.80 -23.72
CA MET A 115 -18.47 -32.58 -23.58
C MET A 115 -18.55 -32.05 -22.15
N ALA A 116 -19.75 -32.08 -21.55
CA ALA A 116 -19.89 -31.68 -20.15
C ALA A 116 -18.98 -32.52 -19.26
N ARG A 117 -18.90 -33.83 -19.53
CA ARG A 117 -17.99 -34.68 -18.76
C ARG A 117 -16.56 -34.23 -18.94
N GLU A 118 -16.18 -33.88 -20.17
CA GLU A 118 -14.80 -33.50 -20.45
C GLU A 118 -14.48 -32.10 -19.94
N TYR A 119 -15.47 -31.20 -19.98
CA TYR A 119 -15.21 -29.81 -19.61
C TYR A 119 -15.27 -29.58 -18.10
N GLY A 120 -16.05 -30.38 -17.38
CA GLY A 120 -16.23 -30.17 -15.95
C GLY A 120 -17.33 -29.21 -15.57
N PHE A 121 -17.99 -28.58 -16.54
CA PHE A 121 -19.19 -27.79 -16.31
C PHE A 121 -20.23 -28.24 -17.32
N SER A 122 -21.49 -27.88 -17.05
CA SER A 122 -22.60 -28.31 -17.91
C SER A 122 -23.43 -27.14 -18.43
N GLY A 123 -22.98 -25.90 -18.20
CA GLY A 123 -23.75 -24.74 -18.59
C GLY A 123 -23.28 -24.20 -19.92
N PHE A 124 -24.18 -24.16 -20.89
CA PHE A 124 -23.84 -23.69 -22.23
C PHE A 124 -24.89 -22.73 -22.78
N PRO A 125 -24.57 -21.46 -23.02
CA PRO A 125 -25.46 -20.64 -23.83
C PRO A 125 -25.66 -21.29 -25.19
N VAL A 126 -26.86 -21.16 -25.73
CA VAL A 126 -27.19 -21.75 -27.02
C VAL A 126 -27.24 -20.63 -28.05
N VAL A 127 -26.39 -20.73 -29.08
CA VAL A 127 -26.28 -19.71 -30.11
C VAL A 127 -26.45 -20.41 -31.46
N GLU A 128 -27.24 -19.78 -32.33
CA GLU A 128 -27.45 -20.25 -33.70
C GLU A 128 -27.14 -19.07 -34.61
N GLN A 129 -26.23 -19.27 -35.57
CA GLN A 129 -25.67 -18.17 -36.34
C GLN A 129 -25.06 -17.25 -35.29
N GLY A 130 -25.52 -16.01 -35.12
CA GLY A 130 -24.96 -15.16 -34.09
C GLY A 130 -25.89 -14.88 -32.92
N GLU A 131 -27.09 -15.42 -32.99
CA GLU A 131 -28.17 -15.06 -32.08
C GLU A 131 -28.25 -15.97 -30.88
N LEU A 132 -28.42 -15.37 -29.70
CA LEU A 132 -28.62 -16.11 -28.46
C LEU A 132 -30.08 -16.57 -28.43
N VAL A 133 -30.30 -17.88 -28.38
CA VAL A 133 -31.63 -18.46 -28.51
C VAL A 133 -32.01 -19.37 -27.36
N GLY A 134 -31.10 -19.63 -26.42
CA GLY A 134 -31.45 -20.45 -25.27
C GLY A 134 -30.27 -20.66 -24.36
N ILE A 135 -30.50 -21.47 -23.33
CA ILE A 135 -29.42 -21.93 -22.46
C ILE A 135 -29.77 -23.34 -22.02
N VAL A 136 -28.74 -24.19 -21.91
CA VAL A 136 -28.91 -25.57 -21.48
C VAL A 136 -27.90 -25.84 -20.39
N THR A 137 -28.35 -26.52 -19.33
CA THR A 137 -27.55 -26.69 -18.12
C THR A 137 -27.64 -28.13 -17.65
N GLY A 138 -26.90 -28.42 -16.59
CA GLY A 138 -26.84 -29.78 -16.07
C GLY A 138 -28.20 -30.37 -15.79
N ARG A 139 -29.09 -29.59 -15.17
CA ARG A 139 -30.41 -30.11 -14.84
C ARG A 139 -31.21 -30.39 -16.11
N ASP A 140 -31.08 -29.56 -17.14
CA ASP A 140 -31.75 -29.86 -18.39
C ASP A 140 -31.22 -31.14 -19.02
N LEU A 141 -29.92 -31.39 -18.89
CA LEU A 141 -29.30 -32.55 -19.51
C LEU A 141 -29.69 -33.85 -18.82
N ARG A 142 -30.43 -33.80 -17.71
CA ARG A 142 -31.01 -35.01 -17.13
C ARG A 142 -32.29 -35.44 -17.85
N VAL A 143 -32.85 -34.60 -18.70
CA VAL A 143 -34.16 -34.86 -19.29
C VAL A 143 -34.00 -35.69 -20.55
N LYS A 144 -34.83 -36.74 -20.66
CA LYS A 144 -34.99 -37.48 -21.91
C LYS A 144 -36.25 -36.94 -22.59
N PRO A 145 -36.13 -36.11 -23.62
CA PRO A 145 -37.34 -35.48 -24.18
C PRO A 145 -38.26 -36.49 -24.81
N ASN A 146 -39.57 -36.21 -24.71
CA ASN A 146 -40.57 -37.05 -25.37
C ASN A 146 -40.24 -37.24 -26.84
N ALA A 147 -39.85 -36.17 -27.52
CA ALA A 147 -39.53 -36.20 -28.94
C ALA A 147 -38.26 -35.39 -29.15
N GLY A 148 -37.43 -35.83 -30.09
CA GLY A 148 -36.22 -35.12 -30.42
C GLY A 148 -35.03 -35.58 -29.59
N ASP A 149 -33.83 -35.30 -30.12
CA ASP A 149 -32.60 -35.69 -29.43
C ASP A 149 -31.57 -34.57 -29.44
N THR A 150 -31.99 -33.32 -29.65
CA THR A 150 -31.06 -32.20 -29.72
C THR A 150 -31.27 -31.23 -28.56
N VAL A 151 -30.32 -30.31 -28.41
CA VAL A 151 -30.38 -29.32 -27.34
C VAL A 151 -31.71 -28.58 -27.39
N ALA A 152 -32.23 -28.34 -28.59
CA ALA A 152 -33.48 -27.59 -28.73
C ALA A 152 -34.61 -28.21 -27.92
N ALA A 153 -34.51 -29.52 -27.64
CA ALA A 153 -35.58 -30.20 -26.95
C ALA A 153 -35.54 -30.04 -25.44
N ILE A 154 -34.42 -29.60 -24.87
CA ILE A 154 -34.29 -29.56 -23.42
C ILE A 154 -33.82 -28.21 -22.91
N MET A 155 -33.46 -27.31 -23.83
CA MET A 155 -32.95 -26.01 -23.41
C MET A 155 -34.07 -25.11 -22.89
N THR A 156 -33.69 -24.15 -22.05
CA THR A 156 -34.58 -23.05 -21.73
C THR A 156 -34.62 -22.09 -22.92
N PRO A 157 -35.77 -21.81 -23.49
CA PRO A 157 -35.82 -21.06 -24.76
C PRO A 157 -35.65 -19.56 -24.55
N LYS A 158 -35.51 -18.87 -25.68
CA LYS A 158 -35.19 -17.45 -25.69
C LYS A 158 -36.17 -16.65 -24.83
N ASP A 159 -37.46 -16.95 -24.93
CA ASP A 159 -38.46 -16.13 -24.26
C ASP A 159 -38.38 -16.22 -22.74
N LYS A 160 -37.73 -17.25 -22.20
CA LYS A 160 -37.63 -17.46 -20.76
C LYS A 160 -36.25 -17.13 -20.21
N LEU A 161 -35.33 -16.65 -21.03
CA LEU A 161 -33.98 -16.36 -20.57
C LEU A 161 -33.97 -15.15 -19.64
N VAL A 162 -33.21 -15.28 -18.55
CA VAL A 162 -32.93 -14.18 -17.64
C VAL A 162 -31.59 -13.58 -18.03
N THR A 163 -31.56 -12.27 -18.25
CA THR A 163 -30.36 -11.63 -18.76
C THR A 163 -30.12 -10.32 -18.02
N ALA A 164 -28.88 -9.85 -18.12
CA ALA A 164 -28.49 -8.54 -17.62
C ALA A 164 -27.67 -7.84 -18.68
N ARG A 165 -27.82 -6.52 -18.74
CA ARG A 165 -27.06 -5.72 -19.69
C ARG A 165 -25.62 -5.57 -19.21
N GLU A 166 -24.68 -5.61 -20.16
CA GLU A 166 -23.28 -5.37 -19.81
C GLU A 166 -23.12 -4.06 -19.04
N GLY A 167 -22.39 -4.13 -17.93
CA GLY A 167 -22.21 -2.99 -17.06
C GLY A 167 -23.02 -3.03 -15.79
N THR A 168 -24.13 -3.77 -15.79
CA THR A 168 -24.97 -3.85 -14.60
C THR A 168 -24.12 -4.21 -13.39
N PRO A 169 -24.26 -3.49 -12.27
CA PRO A 169 -23.47 -3.86 -11.09
C PRO A 169 -23.71 -5.31 -10.74
N LEU A 170 -22.77 -5.90 -10.02
CA LEU A 170 -22.89 -7.31 -9.70
C LEU A 170 -23.93 -7.58 -8.64
N GLU A 171 -24.27 -6.58 -7.83
CA GLU A 171 -25.27 -6.80 -6.79
C GLU A 171 -26.69 -6.82 -7.37
N GLU A 172 -26.92 -6.14 -8.49
CA GLU A 172 -28.23 -6.23 -9.13
C GLU A 172 -28.32 -7.48 -9.99
N MET A 173 -27.18 -8.00 -10.48
CA MET A 173 -27.20 -9.29 -11.17
C MET A 173 -27.47 -10.42 -10.18
N LYS A 174 -26.86 -10.34 -8.99
CA LYS A 174 -27.11 -11.35 -7.96
C LYS A 174 -28.57 -11.37 -7.52
N ALA A 175 -29.16 -10.19 -7.32
CA ALA A 175 -30.56 -10.14 -6.93
C ALA A 175 -31.44 -10.86 -7.94
N LYS A 176 -31.15 -10.69 -9.24
CA LYS A 176 -31.95 -11.33 -10.27
C LYS A 176 -31.65 -12.81 -10.39
N LEU A 177 -30.40 -13.21 -10.18
CA LEU A 177 -30.10 -14.63 -10.05
C LEU A 177 -30.94 -15.26 -8.95
N TYR A 178 -30.89 -14.67 -7.75
CA TYR A 178 -31.57 -15.26 -6.61
C TYR A 178 -33.07 -15.23 -6.78
N GLU A 179 -33.61 -14.12 -7.31
CA GLU A 179 -35.05 -14.02 -7.51
C GLU A 179 -35.57 -15.13 -8.43
N ASN A 180 -34.78 -15.51 -9.42
CA ASN A 180 -35.22 -16.50 -10.39
C ASN A 180 -34.78 -17.91 -10.05
N ARG A 181 -34.12 -18.08 -8.90
CA ARG A 181 -33.64 -19.39 -8.43
C ARG A 181 -32.75 -20.08 -9.46
N ILE A 182 -31.90 -19.29 -10.12
CA ILE A 182 -30.97 -19.79 -11.12
C ILE A 182 -29.56 -19.43 -10.66
N GLU A 183 -28.56 -20.08 -11.29
CA GLU A 183 -27.17 -19.89 -10.89
C GLU A 183 -26.29 -19.47 -12.06
N LYS A 184 -26.91 -19.01 -13.15
CA LYS A 184 -26.19 -18.51 -14.31
C LYS A 184 -26.89 -17.24 -14.79
N MET A 185 -26.12 -16.18 -15.04
CA MET A 185 -26.67 -14.95 -15.63
C MET A 185 -26.05 -14.74 -16.99
N LEU A 186 -26.89 -14.62 -18.02
CA LEU A 186 -26.41 -14.29 -19.35
C LEU A 186 -26.25 -12.78 -19.45
N VAL A 187 -25.07 -12.32 -19.87
CA VAL A 187 -24.78 -10.91 -20.04
C VAL A 187 -24.86 -10.59 -21.53
N VAL A 188 -25.63 -9.57 -21.88
CA VAL A 188 -25.88 -9.22 -23.27
C VAL A 188 -25.68 -7.72 -23.47
N ASP A 189 -25.53 -7.34 -24.73
CA ASP A 189 -25.44 -5.93 -25.09
C ASP A 189 -26.81 -5.42 -25.54
N GLU A 190 -26.83 -4.23 -26.13
CA GLU A 190 -28.10 -3.57 -26.45
C GLU A 190 -28.92 -4.30 -27.51
N ASN A 191 -28.29 -5.15 -28.30
CA ASN A 191 -28.97 -5.92 -29.33
C ASN A 191 -29.16 -7.39 -28.94
N PHE A 192 -29.08 -7.70 -27.64
CA PHE A 192 -29.26 -9.06 -27.15
C PHE A 192 -28.20 -10.01 -27.72
N TYR A 193 -27.00 -9.49 -27.96
CA TYR A 193 -25.87 -10.33 -28.33
C TYR A 193 -25.13 -10.77 -27.08
N LEU A 194 -24.71 -12.04 -27.07
CA LEU A 194 -24.05 -12.61 -25.90
C LEU A 194 -22.69 -11.97 -25.68
N ARG A 195 -22.45 -11.47 -24.46
CA ARG A 195 -21.16 -10.89 -24.12
C ARG A 195 -20.47 -11.59 -22.96
N GLY A 196 -21.15 -12.47 -22.22
CA GLY A 196 -20.50 -13.18 -21.15
C GLY A 196 -21.50 -13.94 -20.32
N LEU A 197 -20.96 -14.68 -19.35
CA LEU A 197 -21.73 -15.57 -18.48
C LEU A 197 -21.18 -15.45 -17.07
N VAL A 198 -22.07 -15.15 -16.12
CA VAL A 198 -21.72 -15.08 -14.71
C VAL A 198 -22.33 -16.28 -14.01
N THR A 199 -21.57 -16.88 -13.10
CA THR A 199 -22.00 -18.09 -12.39
C THR A 199 -22.02 -17.86 -10.89
N PHE A 200 -23.02 -18.46 -10.23
CA PHE A 200 -23.04 -18.48 -8.77
C PHE A 200 -21.75 -19.01 -8.18
N ARG A 201 -21.18 -20.05 -8.80
CA ARG A 201 -19.94 -20.63 -8.29
C ARG A 201 -18.85 -19.58 -8.14
N ASP A 202 -18.66 -18.75 -9.19
CA ASP A 202 -17.61 -17.74 -9.14
C ASP A 202 -17.90 -16.70 -8.06
N ILE A 203 -19.16 -16.26 -7.97
CA ILE A 203 -19.55 -15.36 -6.89
C ILE A 203 -19.15 -15.94 -5.55
N GLU A 204 -19.48 -17.21 -5.32
CA GLU A 204 -19.22 -17.82 -4.02
C GLU A 204 -17.72 -18.06 -3.80
N LYS A 205 -17.00 -18.46 -4.84
CA LYS A 205 -15.56 -18.66 -4.70
C LYS A 205 -14.87 -17.38 -4.26
N ALA A 206 -15.31 -16.24 -4.80
CA ALA A 206 -14.71 -14.97 -4.40
C ALA A 206 -14.98 -14.68 -2.93
N LYS A 207 -16.19 -15.00 -2.47
CA LYS A 207 -16.54 -14.81 -1.07
C LYS A 207 -15.80 -15.78 -0.17
N THR A 208 -15.54 -17.00 -0.65
CA THR A 208 -14.88 -17.99 0.18
C THR A 208 -13.39 -17.68 0.38
N TYR A 209 -12.72 -17.13 -0.64
CA TYR A 209 -11.30 -16.83 -0.59
C TYR A 209 -11.10 -15.35 -0.90
N PRO A 210 -11.49 -14.47 0.03
CA PRO A 210 -11.37 -13.03 -0.25
C PRO A 210 -9.93 -12.56 -0.33
N LEU A 211 -8.99 -13.35 0.17
CA LEU A 211 -7.56 -13.04 0.04
C LEU A 211 -6.96 -13.46 -1.30
N ALA A 212 -7.72 -14.14 -2.16
CA ALA A 212 -7.13 -14.79 -3.32
C ALA A 212 -6.34 -13.78 -4.16
N SER A 213 -5.21 -14.26 -4.70
CA SER A 213 -4.40 -13.47 -5.63
C SER A 213 -5.05 -13.50 -7.01
N LYS A 214 -5.55 -12.35 -7.47
CA LYS A 214 -6.31 -12.32 -8.72
C LYS A 214 -5.88 -11.13 -9.58
N ASP A 215 -6.10 -11.29 -10.89
CA ASP A 215 -5.83 -10.23 -11.84
C ASP A 215 -7.06 -9.34 -11.99
N GLU A 216 -7.01 -8.41 -12.96
CA GLU A 216 -8.07 -7.42 -13.15
C GLU A 216 -9.37 -8.05 -13.61
N GLN A 217 -9.33 -9.26 -14.15
CA GLN A 217 -10.53 -9.95 -14.61
C GLN A 217 -11.10 -10.87 -13.54
N GLY A 218 -10.54 -10.88 -12.34
CA GLY A 218 -10.99 -11.78 -11.31
C GLY A 218 -10.48 -13.19 -11.45
N ARG A 219 -9.49 -13.42 -12.31
CA ARG A 219 -8.88 -14.73 -12.46
C ARG A 219 -7.71 -14.89 -11.50
N LEU A 220 -7.52 -16.10 -10.98
CA LEU A 220 -6.38 -16.35 -10.11
C LEU A 220 -5.08 -16.13 -10.87
N ARG A 221 -4.09 -15.58 -10.16
CA ARG A 221 -2.78 -15.34 -10.75
C ARG A 221 -1.97 -16.61 -10.77
N VAL A 222 -1.04 -16.68 -11.74
CA VAL A 222 -0.16 -17.84 -11.85
C VAL A 222 1.11 -17.41 -12.58
N GLY A 223 2.21 -18.09 -12.26
CA GLY A 223 3.46 -17.93 -12.98
C GLY A 223 3.87 -19.23 -13.64
N ALA A 224 4.89 -19.13 -14.49
CA ALA A 224 5.42 -20.28 -15.19
C ALA A 224 6.91 -20.06 -15.45
N ALA A 225 7.69 -21.13 -15.31
CA ALA A 225 9.13 -21.08 -15.49
C ALA A 225 9.49 -21.32 -16.95
N VAL A 226 10.55 -20.63 -17.39
CA VAL A 226 11.20 -20.90 -18.67
C VAL A 226 12.70 -20.89 -18.44
N GLY A 227 13.42 -21.47 -19.39
CA GLY A 227 14.87 -21.49 -19.32
C GLY A 227 15.50 -20.54 -20.32
N THR A 228 16.65 -20.92 -20.89
CA THR A 228 17.29 -20.13 -21.92
C THR A 228 17.57 -20.94 -23.18
N GLY A 229 17.10 -22.19 -23.25
CA GLY A 229 17.35 -23.03 -24.39
C GLY A 229 16.63 -22.57 -25.65
N ALA A 230 16.77 -23.39 -26.69
CA ALA A 230 16.31 -22.97 -28.02
C ALA A 230 14.80 -22.77 -28.09
N ASP A 231 14.03 -23.58 -27.37
CA ASP A 231 12.57 -23.48 -27.44
C ASP A 231 11.99 -22.35 -26.59
N THR A 232 12.84 -21.55 -25.93
CA THR A 232 12.33 -20.61 -24.92
C THR A 232 11.40 -19.56 -25.52
N GLY A 233 11.75 -19.03 -26.69
CA GLY A 233 10.92 -17.99 -27.29
C GLY A 233 9.50 -18.45 -27.54
N GLU A 234 9.35 -19.63 -28.11
CA GLU A 234 8.02 -20.18 -28.35
C GLU A 234 7.33 -20.50 -27.03
N ARG A 235 8.08 -20.99 -26.03
CA ARG A 235 7.47 -21.33 -24.75
C ARG A 235 6.91 -20.06 -24.09
N VAL A 236 7.69 -18.97 -24.09
CA VAL A 236 7.19 -17.73 -23.52
C VAL A 236 5.92 -17.30 -24.24
N ALA A 237 5.94 -17.34 -25.58
CA ALA A 237 4.79 -16.91 -26.35
C ALA A 237 3.55 -17.73 -25.99
N ALA A 238 3.70 -19.05 -25.89
CA ALA A 238 2.56 -19.89 -25.56
C ALA A 238 2.05 -19.59 -24.16
N LEU A 239 2.95 -19.33 -23.21
CA LEU A 239 2.52 -19.09 -21.83
C LEU A 239 1.78 -17.75 -21.70
N VAL A 240 2.29 -16.72 -22.38
CA VAL A 240 1.60 -15.43 -22.39
C VAL A 240 0.22 -15.55 -23.02
N ALA A 241 0.13 -16.29 -24.13
CA ALA A 241 -1.15 -16.47 -24.81
C ALA A 241 -2.16 -17.18 -23.91
N ALA A 242 -1.69 -18.07 -23.04
CA ALA A 242 -2.57 -18.75 -22.10
C ALA A 242 -2.95 -17.87 -20.90
N GLY A 243 -2.38 -16.68 -20.78
CA GLY A 243 -2.77 -15.76 -19.73
C GLY A 243 -1.87 -15.71 -18.52
N VAL A 244 -0.64 -16.21 -18.64
CA VAL A 244 0.27 -16.23 -17.49
C VAL A 244 0.47 -14.81 -16.99
N ASP A 245 0.54 -14.67 -15.66
CA ASP A 245 0.74 -13.35 -15.08
C ASP A 245 2.21 -12.96 -15.00
N VAL A 246 3.10 -13.94 -14.84
CA VAL A 246 4.53 -13.67 -14.65
C VAL A 246 5.33 -14.81 -15.27
N VAL A 247 6.33 -14.46 -16.06
CA VAL A 247 7.28 -15.41 -16.63
C VAL A 247 8.51 -15.43 -15.77
N VAL A 248 8.93 -16.62 -15.33
CA VAL A 248 10.08 -16.77 -14.47
C VAL A 248 11.21 -17.38 -15.31
N VAL A 249 12.18 -16.54 -15.67
CA VAL A 249 13.39 -17.02 -16.34
C VAL A 249 14.26 -17.62 -15.25
N ASP A 250 14.29 -18.95 -15.18
CA ASP A 250 14.65 -19.71 -13.99
C ASP A 250 15.85 -20.59 -14.32
N THR A 251 17.02 -20.19 -13.87
CA THR A 251 18.22 -20.95 -14.16
C THR A 251 19.06 -21.10 -12.90
N ALA A 252 20.06 -21.97 -12.99
CA ALA A 252 20.99 -22.15 -11.88
C ALA A 252 21.86 -20.92 -11.67
N HIS A 253 22.08 -20.10 -12.72
CA HIS A 253 23.02 -18.98 -12.66
C HIS A 253 22.46 -17.80 -13.44
N GLY A 254 21.69 -16.95 -12.75
CA GLY A 254 21.08 -15.81 -13.39
C GLY A 254 22.04 -14.71 -13.75
N HIS A 255 23.22 -14.66 -13.11
CA HIS A 255 24.23 -13.66 -13.44
C HIS A 255 25.05 -14.12 -14.64
N SER A 256 24.41 -14.20 -15.81
CA SER A 256 25.04 -14.72 -17.06
C SER A 256 24.44 -13.98 -18.25
N LYS A 257 25.11 -14.06 -19.40
CA LYS A 257 24.67 -13.39 -20.66
C LYS A 257 23.33 -14.00 -21.09
N GLY A 258 23.23 -15.33 -21.00
CA GLY A 258 22.03 -16.12 -21.36
C GLY A 258 20.77 -15.61 -20.71
N VAL A 259 20.77 -15.49 -19.37
CA VAL A 259 19.60 -15.06 -18.60
C VAL A 259 19.37 -13.57 -18.74
N ILE A 260 20.43 -12.76 -18.67
CA ILE A 260 20.26 -11.31 -18.77
C ILE A 260 19.62 -10.95 -20.11
N GLU A 261 20.12 -11.56 -21.19
CA GLU A 261 19.56 -11.26 -22.52
C GLU A 261 18.14 -11.78 -22.67
N ARG A 262 17.83 -12.92 -22.06
CA ARG A 262 16.47 -13.46 -22.18
C ARG A 262 15.49 -12.61 -21.38
N VAL A 263 15.88 -12.16 -20.19
CA VAL A 263 15.03 -11.27 -19.42
C VAL A 263 14.73 -10.01 -20.22
N ARG A 264 15.78 -9.41 -20.79
CA ARG A 264 15.58 -8.21 -21.61
C ARG A 264 14.64 -8.51 -22.77
N TRP A 265 14.82 -9.67 -23.42
CA TRP A 265 13.97 -10.02 -24.56
C TRP A 265 12.50 -10.13 -24.14
N VAL A 266 12.23 -10.74 -22.99
CA VAL A 266 10.85 -10.86 -22.54
C VAL A 266 10.25 -9.49 -22.28
N LYS A 267 11.00 -8.62 -21.59
CA LYS A 267 10.50 -7.29 -21.28
C LYS A 267 10.17 -6.53 -22.56
N GLN A 268 11.04 -6.63 -23.57
CA GLN A 268 10.83 -5.88 -24.82
C GLN A 268 9.76 -6.54 -25.69
N THR A 269 9.71 -7.87 -25.73
CA THR A 269 8.80 -8.52 -26.66
C THR A 269 7.39 -8.62 -26.11
N PHE A 270 7.25 -8.76 -24.79
CA PHE A 270 5.96 -8.94 -24.11
C PHE A 270 5.89 -7.93 -22.97
N PRO A 271 5.70 -6.65 -23.30
CA PRO A 271 5.75 -5.61 -22.25
C PRO A 271 4.64 -5.72 -21.21
N ASP A 272 3.56 -6.42 -21.52
CA ASP A 272 2.41 -6.50 -20.63
C ASP A 272 2.46 -7.68 -19.67
N VAL A 273 3.52 -8.48 -19.66
CA VAL A 273 3.68 -9.56 -18.70
C VAL A 273 4.81 -9.20 -17.75
N GLN A 274 4.70 -9.67 -16.52
CA GLN A 274 5.78 -9.51 -15.55
C GLN A 274 6.85 -10.57 -15.79
N VAL A 275 8.09 -10.22 -15.50
CA VAL A 275 9.22 -11.12 -15.71
C VAL A 275 10.09 -11.13 -14.47
N ILE A 276 10.41 -12.34 -14.00
CA ILE A 276 11.33 -12.58 -12.90
C ILE A 276 12.58 -13.23 -13.46
N GLY A 277 13.74 -12.81 -12.94
CA GLY A 277 15.01 -13.39 -13.32
C GLY A 277 15.74 -13.97 -12.12
N GLY A 278 16.43 -15.09 -12.34
CA GLY A 278 17.22 -15.72 -11.28
C GLY A 278 17.87 -16.99 -11.78
N ASN A 279 18.58 -17.69 -10.88
CA ASN A 279 18.75 -17.30 -9.47
C ASN A 279 20.07 -16.58 -9.29
N ILE A 280 20.13 -15.69 -8.29
CA ILE A 280 21.32 -14.88 -8.02
C ILE A 280 21.61 -14.90 -6.52
N ALA A 281 22.80 -14.39 -6.16
CA ALA A 281 23.14 -14.29 -4.75
C ALA A 281 24.07 -13.12 -4.44
N THR A 282 24.19 -12.13 -5.34
CA THR A 282 25.08 -11.01 -5.09
C THR A 282 24.43 -9.70 -5.51
N ALA A 283 25.00 -8.60 -5.02
CA ALA A 283 24.51 -7.27 -5.38
C ALA A 283 24.74 -6.96 -6.86
N GLU A 284 25.91 -7.29 -7.39
CA GLU A 284 26.18 -7.02 -8.80
C GLU A 284 25.23 -7.79 -9.70
N ALA A 285 24.84 -9.01 -9.31
CA ALA A 285 23.88 -9.76 -10.11
C ALA A 285 22.51 -9.12 -10.07
N ALA A 286 22.10 -8.63 -8.89
CA ALA A 286 20.79 -7.99 -8.76
C ALA A 286 20.70 -6.75 -9.63
N LYS A 287 21.75 -5.93 -9.63
CA LYS A 287 21.76 -4.72 -10.45
C LYS A 287 21.73 -5.06 -11.93
N ALA A 288 22.44 -6.11 -12.34
CA ALA A 288 22.45 -6.51 -13.74
C ALA A 288 21.04 -6.93 -14.20
N LEU A 289 20.33 -7.71 -13.38
CA LEU A 289 18.98 -8.11 -13.77
C LEU A 289 18.02 -6.93 -13.74
N ALA A 290 18.14 -6.05 -12.74
CA ALA A 290 17.30 -4.86 -12.72
C ALA A 290 17.53 -3.99 -13.95
N GLU A 291 18.78 -3.84 -14.36
CA GLU A 291 19.06 -3.06 -15.56
C GLU A 291 18.51 -3.73 -16.81
N ALA A 292 18.46 -5.06 -16.83
CA ALA A 292 17.88 -5.78 -17.95
C ALA A 292 16.35 -5.67 -17.99
N GLY A 293 15.74 -5.14 -16.93
CA GLY A 293 14.32 -4.89 -16.92
C GLY A 293 13.52 -5.84 -16.07
N ALA A 294 14.16 -6.69 -15.27
CA ALA A 294 13.43 -7.62 -14.43
C ALA A 294 12.47 -6.87 -13.51
N ASP A 295 11.26 -7.42 -13.38
CA ASP A 295 10.30 -6.89 -12.42
C ASP A 295 10.51 -7.45 -11.01
N ALA A 296 11.33 -8.49 -10.86
CA ALA A 296 11.77 -8.99 -9.57
C ALA A 296 12.95 -9.92 -9.81
N VAL A 297 13.71 -10.18 -8.74
CA VAL A 297 14.83 -11.12 -8.79
C VAL A 297 14.60 -12.22 -7.78
N LYS A 298 15.12 -13.41 -8.09
CA LYS A 298 15.02 -14.57 -7.22
C LYS A 298 16.41 -14.91 -6.68
N VAL A 299 16.50 -15.01 -5.35
CA VAL A 299 17.76 -15.09 -4.63
C VAL A 299 17.92 -16.49 -4.07
N GLY A 300 19.01 -17.15 -4.44
CA GLY A 300 19.33 -18.44 -3.86
C GLY A 300 20.22 -19.30 -4.72
N ILE A 301 21.50 -19.38 -4.36
CA ILE A 301 22.46 -20.26 -5.01
C ILE A 301 22.99 -21.19 -3.91
N GLY A 302 22.53 -22.45 -3.91
CA GLY A 302 23.03 -23.42 -2.96
C GLY A 302 22.08 -23.91 -1.88
N PRO A 303 21.24 -23.05 -1.32
CA PRO A 303 20.58 -23.40 -0.04
C PRO A 303 19.47 -24.43 -0.17
N GLY A 304 19.14 -24.85 -1.39
CA GLY A 304 17.96 -25.67 -1.60
C GLY A 304 18.05 -26.99 -0.84
N SER A 305 16.91 -27.40 -0.30
CA SER A 305 16.80 -28.65 0.44
C SER A 305 17.40 -29.83 -0.33
N ILE A 306 17.08 -29.92 -1.61
CA ILE A 306 17.50 -31.07 -2.42
C ILE A 306 18.63 -30.67 -3.34
N CYS A 307 19.30 -29.58 -2.98
CA CYS A 307 20.32 -28.94 -3.85
C CYS A 307 21.72 -29.41 -3.42
N THR A 308 22.55 -29.86 -4.37
CA THR A 308 23.93 -30.27 -4.16
C THR A 308 24.91 -29.31 -4.84
N THR A 309 24.44 -28.16 -5.33
CA THR A 309 25.26 -27.14 -6.03
C THR A 309 26.52 -26.81 -5.22
N ARG A 310 26.36 -26.59 -3.91
CA ARG A 310 27.46 -26.22 -2.98
C ARG A 310 28.48 -27.38 -2.91
N ILE A 311 27.98 -28.62 -2.91
CA ILE A 311 28.80 -29.86 -2.80
C ILE A 311 29.37 -30.29 -4.16
N VAL A 312 28.65 -30.15 -5.28
CA VAL A 312 29.16 -30.61 -6.56
C VAL A 312 30.08 -29.58 -7.18
N ALA A 313 29.71 -28.30 -7.09
CA ALA A 313 30.46 -27.21 -7.69
C ALA A 313 31.22 -26.38 -6.68
N GLY A 314 30.93 -26.52 -5.38
CA GLY A 314 31.62 -25.74 -4.38
C GLY A 314 31.19 -24.29 -4.33
N VAL A 315 30.00 -23.99 -4.88
CA VAL A 315 29.57 -22.62 -5.14
C VAL A 315 28.36 -22.32 -4.27
N GLY A 316 28.31 -21.11 -3.74
CA GLY A 316 27.12 -20.68 -3.02
C GLY A 316 27.38 -19.50 -2.12
N VAL A 317 26.28 -18.93 -1.64
CA VAL A 317 26.31 -17.87 -0.64
C VAL A 317 25.24 -18.18 0.40
N PRO A 318 25.62 -18.34 1.67
CA PRO A 318 24.62 -18.51 2.74
C PRO A 318 23.49 -17.51 2.63
N GLN A 319 22.27 -18.00 2.84
CA GLN A 319 21.11 -17.32 2.31
C GLN A 319 20.77 -16.02 3.04
N ILE A 320 21.02 -15.95 4.35
CA ILE A 320 20.70 -14.70 5.04
C ILE A 320 21.52 -13.55 4.47
N SER A 321 22.83 -13.76 4.28
CA SER A 321 23.68 -12.72 3.72
C SER A 321 23.34 -12.45 2.26
N ALA A 322 23.01 -13.49 1.49
CA ALA A 322 22.65 -13.27 0.09
C ALA A 322 21.43 -12.35 -0.01
N ILE A 323 20.42 -12.60 0.82
CA ILE A 323 19.22 -11.78 0.82
C ILE A 323 19.56 -10.32 1.13
N ALA A 324 20.34 -10.11 2.20
CA ALA A 324 20.62 -8.75 2.64
C ALA A 324 21.46 -8.01 1.62
N ASN A 325 22.40 -8.71 0.98
CA ASN A 325 23.23 -8.07 -0.03
C ASN A 325 22.41 -7.65 -1.24
N VAL A 326 21.49 -8.51 -1.67
CA VAL A 326 20.62 -8.16 -2.80
C VAL A 326 19.65 -7.06 -2.41
N ALA A 327 19.06 -7.14 -1.22
CA ALA A 327 18.12 -6.12 -0.77
C ALA A 327 18.79 -4.76 -0.72
N ALA A 328 20.03 -4.69 -0.25
CA ALA A 328 20.75 -3.42 -0.22
C ALA A 328 20.99 -2.89 -1.63
N ALA A 329 21.29 -3.80 -2.56
CA ALA A 329 21.56 -3.38 -3.94
C ALA A 329 20.31 -2.84 -4.63
N LEU A 330 19.14 -3.32 -4.26
CA LEU A 330 17.89 -2.94 -4.92
C LEU A 330 17.12 -1.89 -4.15
N GLU A 331 17.63 -1.44 -3.01
CA GLU A 331 16.94 -0.40 -2.25
C GLU A 331 16.70 0.80 -3.14
N GLY A 332 15.45 1.25 -3.20
CA GLY A 332 15.09 2.42 -3.97
C GLY A 332 14.78 2.17 -5.43
N THR A 333 14.93 0.94 -5.91
CA THR A 333 14.67 0.65 -7.33
C THR A 333 13.22 0.27 -7.59
N GLY A 334 12.50 -0.20 -6.57
CA GLY A 334 11.19 -0.76 -6.73
C GLY A 334 11.16 -2.22 -7.14
N VAL A 335 12.31 -2.88 -7.22
CA VAL A 335 12.39 -4.25 -7.70
C VAL A 335 12.32 -5.19 -6.50
N PRO A 336 11.30 -6.02 -6.37
CA PRO A 336 11.28 -6.96 -5.25
C PRO A 336 12.30 -8.08 -5.44
N LEU A 337 12.59 -8.75 -4.32
CA LEU A 337 13.44 -9.93 -4.31
C LEU A 337 12.71 -11.06 -3.59
N ILE A 338 12.78 -12.25 -4.18
CA ILE A 338 12.14 -13.47 -3.70
C ILE A 338 13.25 -14.36 -3.13
N ALA A 339 13.10 -14.77 -1.87
CA ALA A 339 14.08 -15.63 -1.22
C ALA A 339 13.72 -17.08 -1.49
N ASP A 340 14.58 -17.75 -2.27
CA ASP A 340 14.28 -19.08 -2.82
C ASP A 340 15.21 -20.11 -2.20
N GLY A 341 14.69 -20.91 -1.29
CA GLY A 341 15.42 -22.08 -0.87
C GLY A 341 15.94 -21.96 0.55
N GLY A 342 16.07 -23.10 1.22
CA GLY A 342 16.67 -23.17 2.53
C GLY A 342 15.71 -23.02 3.70
N ILE A 343 14.44 -22.74 3.43
CA ILE A 343 13.45 -22.56 4.48
C ILE A 343 13.06 -23.95 5.01
N ARG A 344 13.39 -24.22 6.27
CA ARG A 344 12.97 -25.47 6.91
C ARG A 344 11.86 -25.27 7.94
N PHE A 345 11.85 -24.12 8.62
CA PHE A 345 10.91 -23.83 9.69
C PHE A 345 10.29 -22.47 9.44
N SER A 346 9.10 -22.24 10.01
CA SER A 346 8.47 -20.93 9.89
C SER A 346 9.38 -19.83 10.41
N GLY A 347 10.22 -20.13 11.39
CA GLY A 347 11.15 -19.13 11.89
C GLY A 347 12.14 -18.67 10.84
N ASP A 348 12.55 -19.57 9.94
CA ASP A 348 13.44 -19.16 8.85
C ASP A 348 12.77 -18.14 7.94
N LEU A 349 11.48 -18.32 7.66
CA LEU A 349 10.74 -17.37 6.85
C LEU A 349 10.77 -15.98 7.46
N ALA A 350 10.56 -15.88 8.77
CA ALA A 350 10.60 -14.58 9.44
C ALA A 350 11.97 -13.94 9.28
N LYS A 351 13.04 -14.74 9.45
CA LYS A 351 14.40 -14.23 9.31
C LYS A 351 14.65 -13.74 7.90
N ALA A 352 14.17 -14.48 6.91
CA ALA A 352 14.32 -14.06 5.52
C ALA A 352 13.67 -12.71 5.26
N MET A 353 12.47 -12.50 5.79
CA MET A 353 11.78 -11.22 5.62
C MET A 353 12.59 -10.07 6.21
N VAL A 354 13.08 -10.25 7.45
CA VAL A 354 13.81 -9.19 8.13
C VAL A 354 15.15 -8.93 7.44
N ALA A 355 15.74 -9.94 6.83
CA ALA A 355 16.95 -9.71 6.03
C ALA A 355 16.67 -8.95 4.75
N GLY A 356 15.41 -8.82 4.35
CA GLY A 356 15.06 -7.97 3.22
C GLY A 356 14.19 -8.60 2.15
N ALA A 357 13.91 -9.89 2.26
CA ALA A 357 13.06 -10.52 1.26
C ALA A 357 11.67 -9.87 1.23
N TYR A 358 11.10 -9.78 0.03
CA TYR A 358 9.70 -9.39 -0.11
C TYR A 358 8.75 -10.56 0.02
N CYS A 359 9.20 -11.76 -0.34
CA CYS A 359 8.44 -12.99 -0.17
C CYS A 359 9.44 -14.14 -0.31
N VAL A 360 8.94 -15.34 -0.04
CA VAL A 360 9.79 -16.52 0.06
CA VAL A 360 9.77 -16.53 0.09
C VAL A 360 9.22 -17.62 -0.82
N MET A 361 10.11 -18.31 -1.53
CA MET A 361 9.75 -19.41 -2.39
C MET A 361 10.15 -20.71 -1.70
N MET A 362 9.24 -21.68 -1.73
CA MET A 362 9.48 -22.94 -1.04
C MET A 362 9.05 -24.13 -1.90
N GLY A 363 9.86 -25.18 -1.84
CA GLY A 363 9.57 -26.40 -2.56
C GLY A 363 9.29 -27.56 -1.64
N SER A 364 10.31 -27.99 -0.89
CA SER A 364 10.18 -29.18 -0.05
C SER A 364 8.97 -29.11 0.86
N MET A 365 8.72 -27.95 1.48
CA MET A 365 7.64 -27.88 2.45
C MET A 365 6.28 -28.11 1.82
N PHE A 366 6.12 -27.87 0.51
CA PHE A 366 4.86 -28.09 -0.17
C PHE A 366 4.80 -29.43 -0.88
N ALA A 367 5.95 -30.04 -1.18
CA ALA A 367 5.94 -31.40 -1.67
C ALA A 367 5.24 -32.27 -0.65
N GLY A 368 4.46 -33.24 -1.13
CA GLY A 368 3.73 -34.11 -0.25
C GLY A 368 2.32 -33.67 0.09
N THR A 369 1.95 -32.42 -0.19
CA THR A 369 0.59 -31.99 0.08
C THR A 369 -0.36 -32.67 -0.90
N GLU A 370 -1.64 -32.71 -0.51
CA GLU A 370 -2.67 -33.27 -1.38
C GLU A 370 -2.66 -32.62 -2.75
N GLU A 371 -2.41 -31.31 -2.80
CA GLU A 371 -2.50 -30.58 -4.06
C GLU A 371 -1.26 -30.73 -4.92
N ALA A 372 -0.13 -31.13 -4.34
CA ALA A 372 1.08 -31.28 -5.12
C ALA A 372 0.96 -32.47 -6.07
N PRO A 373 1.68 -32.46 -7.19
CA PRO A 373 1.65 -33.61 -8.10
C PRO A 373 2.16 -34.88 -7.43
N GLY A 374 1.78 -36.00 -8.01
CA GLY A 374 2.33 -37.28 -7.64
C GLY A 374 1.39 -38.12 -6.78
N GLU A 375 1.58 -39.44 -6.87
CA GLU A 375 0.81 -40.41 -6.09
C GLU A 375 1.46 -40.66 -4.74
N ILE A 376 0.63 -41.08 -3.79
CA ILE A 376 1.12 -41.40 -2.46
C ILE A 376 0.04 -41.90 -1.53
N TYR A 384 5.57 -39.29 2.31
CA TYR A 384 5.18 -40.45 1.54
C TYR A 384 4.87 -39.96 0.13
N LYS A 385 5.52 -38.87 -0.29
CA LYS A 385 5.46 -38.39 -1.66
C LYS A 385 6.87 -38.05 -2.14
N SER A 386 7.10 -38.23 -3.43
CA SER A 386 8.41 -37.95 -4.02
C SER A 386 8.74 -36.45 -3.95
N TYR A 387 10.02 -36.18 -3.77
CA TYR A 387 10.54 -34.82 -3.86
C TYR A 387 11.98 -34.88 -4.36
N ARG A 388 12.21 -34.39 -5.58
CA ARG A 388 13.50 -34.52 -6.24
C ARG A 388 13.94 -33.17 -6.81
N GLY A 389 15.26 -33.03 -6.96
CA GLY A 389 15.79 -31.82 -7.56
C GLY A 389 15.59 -31.81 -9.07
N MET A 390 15.42 -30.61 -9.62
CA MET A 390 15.21 -30.42 -11.05
C MET A 390 16.56 -30.40 -11.79
N PRO A 419 25.09 -33.73 -12.45
CA PRO A 419 23.86 -33.52 -11.67
C PRO A 419 24.08 -32.66 -10.43
N GLU A 420 23.16 -31.74 -10.14
CA GLU A 420 23.28 -30.83 -9.00
C GLU A 420 22.10 -30.96 -8.04
N GLY A 421 21.31 -32.04 -8.18
CA GLY A 421 20.22 -32.31 -7.27
C GLY A 421 20.16 -33.78 -6.91
N ILE A 422 19.27 -34.10 -5.96
CA ILE A 422 19.08 -35.45 -5.46
C ILE A 422 17.60 -35.82 -5.55
N GLU A 423 17.33 -37.12 -5.39
CA GLU A 423 15.97 -37.65 -5.36
C GLU A 423 15.63 -38.13 -3.95
N GLY A 424 14.40 -37.83 -3.51
CA GLY A 424 14.04 -38.14 -2.14
C GLY A 424 12.54 -38.32 -1.90
N ARG A 425 12.21 -38.51 -0.63
CA ARG A 425 10.87 -38.75 -0.12
C ARG A 425 10.59 -37.73 0.96
N VAL A 426 9.37 -37.20 0.98
CA VAL A 426 8.88 -36.40 2.12
C VAL A 426 7.57 -36.99 2.61
N PRO A 427 7.22 -36.76 3.89
CA PRO A 427 5.97 -37.33 4.41
C PRO A 427 4.75 -36.71 3.77
N TYR A 428 3.72 -37.52 3.56
CA TYR A 428 2.43 -37.00 3.10
C TYR A 428 1.91 -36.02 4.14
N LYS A 429 1.58 -34.80 3.69
CA LYS A 429 1.32 -33.69 4.60
C LYS A 429 -0.12 -33.21 4.61
N GLY A 430 -1.00 -33.81 3.82
CA GLY A 430 -2.38 -33.35 3.80
C GLY A 430 -2.56 -32.06 3.05
N ALA A 431 -3.58 -31.30 3.46
CA ALA A 431 -3.99 -30.12 2.70
C ALA A 431 -2.95 -29.00 2.81
N LEU A 432 -2.70 -28.34 1.68
CA LEU A 432 -1.77 -27.21 1.66
C LEU A 432 -2.16 -26.15 2.68
N SER A 433 -3.46 -25.91 2.86
CA SER A 433 -3.92 -24.82 3.70
C SER A 433 -3.37 -24.92 5.11
N ALA A 434 -3.22 -26.14 5.63
CA ALA A 434 -2.74 -26.30 6.99
C ALA A 434 -1.27 -25.90 7.11
N ILE A 435 -0.46 -26.24 6.12
CA ILE A 435 0.95 -25.84 6.15
C ILE A 435 1.06 -24.33 6.04
N VAL A 436 0.29 -23.72 5.14
CA VAL A 436 0.32 -22.26 5.00
C VAL A 436 -0.11 -21.61 6.30
N HIS A 437 -1.13 -22.15 6.95
CA HIS A 437 -1.60 -21.57 8.22
C HIS A 437 -0.52 -21.57 9.29
N GLN A 438 0.26 -22.65 9.40
CA GLN A 438 1.31 -22.68 10.41
C GLN A 438 2.45 -21.76 10.03
N LEU A 439 2.77 -21.67 8.73
CA LEU A 439 3.85 -20.78 8.31
C LEU A 439 3.50 -19.34 8.58
N MET A 440 2.27 -18.93 8.26
CA MET A 440 1.87 -17.55 8.48
C MET A 440 1.67 -17.27 9.96
N GLY A 441 1.26 -18.27 10.74
CA GLY A 441 1.17 -18.10 12.18
C GLY A 441 2.54 -17.81 12.79
N GLY A 442 3.58 -18.48 12.28
CA GLY A 442 4.91 -18.22 12.79
C GLY A 442 5.41 -16.84 12.40
N LEU A 443 5.16 -16.42 11.16
CA LEU A 443 5.51 -15.07 10.75
C LEU A 443 4.74 -14.03 11.56
N ARG A 444 3.44 -14.24 11.75
CA ARG A 444 2.65 -13.31 12.56
C ARG A 444 3.22 -13.19 13.97
N ALA A 445 3.59 -14.32 14.59
CA ALA A 445 4.18 -14.27 15.92
C ALA A 445 5.48 -13.50 15.90
N ALA A 446 6.32 -13.71 14.87
CA ALA A 446 7.59 -13.00 14.78
C ALA A 446 7.37 -11.50 14.65
N MET A 447 6.37 -11.10 13.88
CA MET A 447 6.07 -9.68 13.72
C MET A 447 5.56 -9.08 15.02
N GLY A 448 4.74 -9.85 15.76
CA GLY A 448 4.33 -9.39 17.08
C GLY A 448 5.51 -9.25 18.02
N TYR A 449 6.44 -10.21 17.99
CA TYR A 449 7.60 -10.14 18.86
C TYR A 449 8.49 -8.93 18.53
N THR A 450 8.53 -8.51 17.28
CA THR A 450 9.42 -7.42 16.88
C THR A 450 8.72 -6.07 16.81
N GLY A 451 7.41 -6.04 17.03
CA GLY A 451 6.67 -4.80 16.93
C GLY A 451 6.42 -4.33 15.52
N SER A 452 6.42 -5.24 14.56
CA SER A 452 6.26 -4.93 13.15
C SER A 452 4.79 -5.09 12.76
N ALA A 453 4.16 -3.99 12.37
CA ALA A 453 2.73 -4.02 12.07
C ALA A 453 2.42 -4.47 10.66
N ASP A 454 3.41 -4.46 9.76
CA ASP A 454 3.22 -4.82 8.37
C ASP A 454 4.56 -5.26 7.81
N ILE A 455 4.53 -5.73 6.56
CA ILE A 455 5.71 -6.37 5.97
C ILE A 455 6.82 -5.34 5.76
N GLN A 456 6.45 -4.12 5.37
CA GLN A 456 7.45 -3.08 5.15
C GLN A 456 8.25 -2.79 6.40
N GLN A 457 7.58 -2.77 7.55
CA GLN A 457 8.28 -2.57 8.82
C GLN A 457 9.12 -3.79 9.18
N MET A 458 8.57 -4.99 8.96
CA MET A 458 9.33 -6.21 9.25
C MET A 458 10.61 -6.27 8.43
N ARG A 459 10.55 -5.81 7.17
CA ARG A 459 11.74 -5.89 6.32
C ARG A 459 12.81 -4.87 6.71
N THR A 460 12.43 -3.77 7.35
CA THR A 460 13.34 -2.63 7.50
C THR A 460 13.73 -2.29 8.92
N GLN A 461 12.98 -2.73 9.95
CA GLN A 461 13.22 -2.23 11.29
C GLN A 461 13.84 -3.23 12.26
N PRO A 462 13.41 -4.48 12.32
CA PRO A 462 13.90 -5.37 13.39
C PRO A 462 15.38 -5.71 13.22
N GLN A 463 15.96 -6.17 14.32
CA GLN A 463 17.38 -6.49 14.39
C GLN A 463 17.62 -7.95 14.74
N PHE A 464 18.77 -8.43 14.29
CA PHE A 464 19.26 -9.76 14.58
C PHE A 464 20.32 -9.70 15.69
N VAL A 465 20.46 -10.79 16.44
CA VAL A 465 21.70 -11.09 17.14
C VAL A 465 22.36 -12.23 16.39
N ARG A 466 23.70 -12.21 16.35
CA ARG A 466 24.49 -13.34 15.86
C ARG A 466 24.71 -14.33 16.99
N ILE A 467 24.59 -15.62 16.69
CA ILE A 467 24.70 -16.65 17.70
C ILE A 467 25.73 -17.70 17.29
N THR A 468 26.06 -18.56 18.24
CA THR A 468 26.95 -19.69 18.03
C THR A 468 26.14 -20.98 17.86
N GLY A 469 26.85 -22.09 17.65
CA GLY A 469 26.18 -23.39 17.63
C GLY A 469 25.44 -23.71 18.90
N ALA A 470 25.96 -23.24 20.04
CA ALA A 470 25.36 -23.46 21.38
C ALA A 470 24.01 -22.75 21.45
N GLY A 471 23.92 -21.53 20.92
CA GLY A 471 22.69 -20.72 20.92
C GLY A 471 21.60 -21.40 20.10
N MET A 472 21.96 -21.97 18.95
CA MET A 472 21.02 -22.68 18.05
C MET A 472 20.49 -23.92 18.78
N ALA A 473 21.37 -24.62 19.50
CA ALA A 473 21.02 -25.83 20.27
C ALA A 473 20.03 -25.44 21.36
N GLU A 474 20.26 -24.31 22.02
CA GLU A 474 19.39 -23.76 23.09
C GLU A 474 18.01 -23.45 22.49
N SER A 475 17.99 -22.84 21.30
CA SER A 475 16.78 -22.45 20.54
C SER A 475 15.90 -23.67 20.28
N HIS A 476 16.52 -24.78 19.85
CA HIS A 476 15.81 -26.05 19.52
C HIS A 476 15.37 -26.75 20.82
N VAL A 477 14.33 -27.58 20.75
CA VAL A 477 13.90 -28.44 21.88
C VAL A 477 15.15 -29.22 22.33
N HIS A 478 15.49 -29.23 23.63
CA HIS A 478 16.70 -29.88 24.12
C HIS A 478 16.45 -30.55 25.46
N ASP A 479 17.09 -31.71 25.65
CA ASP A 479 17.18 -32.42 26.93
C ASP A 479 15.84 -32.96 27.41
N VAL A 480 14.92 -33.26 26.49
CA VAL A 480 13.62 -33.80 26.86
C VAL A 480 13.13 -34.77 25.79
N GLN A 481 12.69 -35.95 26.24
CA GLN A 481 11.94 -36.84 25.37
C GLN A 481 10.70 -36.16 24.86
N ILE A 482 10.50 -36.18 23.54
CA ILE A 482 9.31 -35.60 22.92
C ILE A 482 8.30 -36.70 22.60
N THR A 483 7.02 -36.41 22.87
CA THR A 483 5.97 -37.41 22.77
C THR A 483 5.15 -37.29 21.50
N MET B 4 -39.28 10.34 -18.44
CA MET B 4 -39.23 10.56 -16.97
C MET B 4 -38.12 11.54 -16.58
N LEU B 5 -38.42 12.45 -15.65
CA LEU B 5 -37.40 13.29 -15.05
C LEU B 5 -36.63 12.45 -14.04
N ARG B 6 -35.34 12.26 -14.28
CA ARG B 6 -34.58 11.22 -13.58
C ARG B 6 -33.94 11.79 -12.33
N ILE B 7 -34.69 11.77 -11.23
CA ILE B 7 -34.22 12.30 -9.95
C ILE B 7 -33.89 11.13 -9.01
N SER B 8 -32.64 11.10 -8.55
CA SER B 8 -32.16 10.00 -7.71
C SER B 8 -32.63 10.15 -6.27
N GLN B 9 -32.51 11.34 -5.70
CA GLN B 9 -32.91 11.54 -4.31
C GLN B 9 -33.06 13.03 -4.06
N GLU B 10 -33.65 13.35 -2.91
CA GLU B 10 -33.46 14.67 -2.31
C GLU B 10 -32.17 14.66 -1.50
N ALA B 11 -31.35 15.68 -1.69
CA ALA B 11 -30.04 15.77 -1.07
C ALA B 11 -30.00 17.01 -0.20
N LEU B 12 -29.36 16.88 0.96
CA LEU B 12 -29.38 17.90 1.99
C LEU B 12 -28.00 18.49 2.20
N THR B 13 -27.96 19.76 2.60
CA THR B 13 -26.73 20.44 2.97
C THR B 13 -26.79 20.84 4.44
N PHE B 14 -25.72 21.51 4.91
CA PHE B 14 -25.57 21.78 6.33
C PHE B 14 -26.77 22.54 6.90
N ASP B 15 -27.26 23.56 6.18
CA ASP B 15 -28.33 24.41 6.72
C ASP B 15 -29.69 23.73 6.72
N ASP B 16 -29.79 22.50 6.20
CA ASP B 16 -31.02 21.72 6.21
C ASP B 16 -31.21 20.91 7.49
N VAL B 17 -30.19 20.80 8.33
CA VAL B 17 -30.25 19.91 9.48
C VAL B 17 -29.63 20.57 10.71
N LEU B 18 -30.06 20.09 11.87
CA LEU B 18 -29.47 20.45 13.15
C LEU B 18 -29.30 19.17 13.96
N LEU B 19 -28.27 19.16 14.81
CA LEU B 19 -28.04 18.03 15.71
C LEU B 19 -28.98 18.07 16.90
N ILE B 20 -29.51 16.91 17.28
CA ILE B 20 -30.42 16.81 18.41
C ILE B 20 -29.62 16.61 19.70
N PRO B 21 -29.87 17.40 20.74
CA PRO B 21 -29.19 17.15 22.02
C PRO B 21 -29.55 15.78 22.57
N GLY B 22 -28.58 15.16 23.24
CA GLY B 22 -28.81 13.88 23.86
C GLY B 22 -28.19 13.83 25.25
N TYR B 23 -28.55 12.79 25.99
CA TYR B 23 -28.01 12.64 27.34
C TYR B 23 -26.50 12.64 27.31
N SER B 24 -25.90 13.45 28.18
CA SER B 24 -24.46 13.66 28.16
C SER B 24 -23.88 13.52 29.55
N GLU B 25 -22.80 12.75 29.67
CA GLU B 25 -22.02 12.65 30.89
C GLU B 25 -20.60 13.16 30.75
N VAL B 26 -20.17 13.50 29.54
CA VAL B 26 -18.79 13.90 29.30
C VAL B 26 -18.79 15.36 28.87
N LEU B 27 -17.97 16.16 29.52
CA LEU B 27 -17.91 17.59 29.26
C LEU B 27 -17.09 17.87 28.01
N PRO B 28 -17.38 18.98 27.33
CA PRO B 28 -16.60 19.31 26.12
C PRO B 28 -15.10 19.24 26.30
N LYS B 29 -14.57 19.76 27.41
CA LYS B 29 -13.13 19.78 27.61
C LYS B 29 -12.55 18.38 27.72
N ASP B 30 -13.38 17.37 27.96
CA ASP B 30 -12.90 16.02 28.22
C ASP B 30 -13.08 15.06 27.05
N VAL B 31 -13.77 15.46 25.98
CA VAL B 31 -13.95 14.53 24.87
C VAL B 31 -12.65 14.35 24.11
N SER B 32 -12.58 13.27 23.34
CA SER B 32 -11.43 12.96 22.50
C SER B 32 -11.71 13.36 21.06
N LEU B 33 -10.76 14.06 20.44
CA LEU B 33 -10.89 14.48 19.06
C LEU B 33 -10.03 13.67 18.09
N LYS B 34 -9.34 12.63 18.56
CA LYS B 34 -8.45 11.86 17.70
C LYS B 34 -9.22 11.15 16.59
N THR B 35 -8.63 11.11 15.40
CA THR B 35 -9.27 10.49 14.25
C THR B 35 -8.18 9.99 13.31
N ARG B 36 -8.56 9.68 12.07
CA ARG B 36 -7.64 9.23 11.04
C ARG B 36 -7.80 10.10 9.80
N LEU B 37 -6.67 10.44 9.17
CA LEU B 37 -6.72 11.04 7.84
C LEU B 37 -6.81 9.97 6.76
N THR B 38 -6.03 8.90 6.94
CA THR B 38 -5.94 7.81 5.98
C THR B 38 -5.84 6.52 6.77
N ARG B 39 -5.81 5.39 6.05
CA ARG B 39 -5.61 4.11 6.71
C ARG B 39 -4.43 4.16 7.67
N GLY B 40 -3.32 4.77 7.25
CA GLY B 40 -2.09 4.76 8.00
C GLY B 40 -1.71 6.02 8.75
N ILE B 41 -2.47 7.10 8.65
CA ILE B 41 -2.12 8.35 9.31
C ILE B 41 -3.22 8.74 10.29
N GLU B 42 -2.84 8.93 11.55
CA GLU B 42 -3.73 9.42 12.58
C GLU B 42 -3.57 10.91 12.78
N LEU B 43 -4.65 11.56 13.19
CA LEU B 43 -4.66 12.98 13.52
C LEU B 43 -5.26 13.16 14.91
N ASN B 44 -4.68 14.08 15.67
CA ASN B 44 -5.22 14.38 16.99
C ASN B 44 -6.39 15.36 16.94
N ILE B 45 -6.55 16.10 15.85
CA ILE B 45 -7.78 16.85 15.61
C ILE B 45 -8.22 16.62 14.17
N PRO B 46 -9.53 16.71 13.89
CA PRO B 46 -10.03 16.35 12.54
C PRO B 46 -10.00 17.50 11.54
N LEU B 47 -8.82 18.08 11.34
CA LEU B 47 -8.70 19.27 10.51
C LEU B 47 -7.59 19.13 9.48
N VAL B 48 -7.89 19.49 8.25
CA VAL B 48 -6.95 19.47 7.13
C VAL B 48 -7.06 20.81 6.40
N SER B 49 -5.92 21.39 6.05
CA SER B 49 -5.93 22.63 5.27
C SER B 49 -5.85 22.31 3.78
N ALA B 50 -6.57 23.10 2.98
CA ALA B 50 -6.79 22.80 1.57
C ALA B 50 -5.55 23.09 0.74
N ALA B 51 -5.44 22.40 -0.39
CA ALA B 51 -4.29 22.52 -1.28
C ALA B 51 -4.52 23.67 -2.28
N MET B 52 -4.52 24.89 -1.73
CA MET B 52 -4.79 26.10 -2.49
C MET B 52 -3.63 27.04 -2.29
N ASP B 53 -3.30 27.80 -3.35
CA ASP B 53 -2.13 28.66 -3.31
C ASP B 53 -2.33 29.91 -2.46
N THR B 54 -3.53 30.12 -1.91
CA THR B 54 -3.77 31.15 -0.91
C THR B 54 -3.94 30.55 0.46
N VAL B 55 -3.69 29.25 0.62
CA VAL B 55 -3.94 28.61 1.90
C VAL B 55 -2.72 27.85 2.43
N THR B 56 -2.23 26.84 1.70
CA THR B 56 -1.23 25.94 2.27
C THR B 56 0.07 25.91 1.46
N GLU B 57 1.12 26.51 2.03
CA GLU B 57 2.51 26.21 1.72
C GLU B 57 3.19 25.76 3.01
N ALA B 58 4.52 25.77 3.05
CA ALA B 58 5.21 25.15 4.17
C ALA B 58 4.82 25.80 5.50
N ARG B 59 4.75 27.13 5.54
CA ARG B 59 4.55 27.81 6.81
C ARG B 59 3.25 27.38 7.48
N LEU B 60 2.16 27.36 6.72
CA LEU B 60 0.88 26.97 7.31
C LEU B 60 0.81 25.46 7.54
N ALA B 61 1.45 24.66 6.68
CA ALA B 61 1.46 23.21 6.89
C ALA B 61 2.18 22.84 8.18
N ILE B 62 3.24 23.58 8.53
CA ILE B 62 3.91 23.36 9.81
C ILE B 62 2.93 23.63 10.95
N ALA B 63 2.25 24.77 10.89
CA ALA B 63 1.32 25.16 11.95
C ALA B 63 0.20 24.14 12.09
N MET B 64 -0.35 23.66 10.96
CA MET B 64 -1.46 22.71 11.04
C MET B 64 -1.01 21.42 11.72
N ALA B 65 0.18 20.94 11.37
CA ALA B 65 0.71 19.73 12.00
C ALA B 65 0.94 19.94 13.49
N GLN B 66 1.46 21.12 13.87
CA GLN B 66 1.69 21.41 15.29
C GLN B 66 0.39 21.39 16.08
N GLU B 67 -0.73 21.77 15.44
CA GLU B 67 -2.03 21.76 16.10
C GLU B 67 -2.65 20.37 16.19
N GLY B 68 -2.06 19.38 15.54
CA GLY B 68 -2.62 18.05 15.54
C GLY B 68 -3.38 17.69 14.28
N GLY B 69 -3.38 18.56 13.27
CA GLY B 69 -3.99 18.29 11.99
C GLY B 69 -2.93 18.09 10.93
N ILE B 70 -3.19 18.55 9.71
CA ILE B 70 -2.21 18.41 8.62
C ILE B 70 -2.56 19.39 7.53
N GLY B 71 -1.54 19.78 6.76
CA GLY B 71 -1.73 20.61 5.60
C GLY B 71 -1.36 19.87 4.32
N ILE B 72 -2.06 20.18 3.24
CA ILE B 72 -1.77 19.65 1.90
C ILE B 72 -1.20 20.79 1.05
N ILE B 73 0.09 20.70 0.72
CA ILE B 73 0.73 21.76 -0.05
C ILE B 73 0.18 21.75 -1.48
N HIS B 74 -0.15 22.94 -1.99
CA HIS B 74 -0.79 23.06 -3.29
C HIS B 74 0.20 22.79 -4.41
N LYS B 75 -0.33 22.56 -5.61
CA LYS B 75 0.49 22.13 -6.73
C LYS B 75 0.65 23.20 -7.80
N ASN B 76 0.04 24.38 -7.68
CA ASN B 76 0.23 25.49 -8.66
C ASN B 76 1.61 26.14 -8.47
N MET B 77 2.66 25.35 -8.66
CA MET B 77 4.09 25.78 -8.58
C MET B 77 4.94 24.66 -9.20
N GLY B 78 6.23 24.91 -9.57
CA GLY B 78 7.16 23.93 -10.15
C GLY B 78 7.39 22.76 -9.21
N ILE B 79 7.71 21.59 -9.76
CA ILE B 79 7.95 20.34 -9.01
C ILE B 79 9.02 20.56 -7.94
N GLU B 80 10.13 21.22 -8.28
CA GLU B 80 11.26 21.47 -7.34
C GLU B 80 10.75 22.35 -6.20
N GLN B 81 9.97 23.38 -6.50
CA GLN B 81 9.44 24.31 -5.46
C GLN B 81 8.52 23.54 -4.51
N GLN B 82 7.64 22.68 -5.03
CA GLN B 82 6.69 21.91 -4.19
C GLN B 82 7.47 20.94 -3.30
N ALA B 83 8.49 20.30 -3.86
CA ALA B 83 9.35 19.33 -3.16
C ALA B 83 10.06 20.08 -2.03
N ALA B 84 10.53 21.29 -2.30
CA ALA B 84 11.25 22.18 -1.36
C ALA B 84 10.31 22.55 -0.22
N GLU B 85 9.05 22.86 -0.53
CA GLU B 85 8.02 23.21 0.48
C GLU B 85 7.82 22.00 1.38
N VAL B 86 7.71 20.80 0.80
CA VAL B 86 7.50 19.53 1.56
C VAL B 86 8.71 19.34 2.48
N ARG B 87 9.91 19.56 1.96
CA ARG B 87 11.20 19.39 2.67
C ARG B 87 11.23 20.33 3.88
N LYS B 88 10.78 21.57 3.67
CA LYS B 88 10.72 22.61 4.73
C LYS B 88 9.94 22.06 5.92
N VAL B 89 8.80 21.40 5.67
CA VAL B 89 7.97 20.89 6.76
C VAL B 89 8.68 19.72 7.44
N LYS B 90 9.23 18.80 6.66
CA LYS B 90 9.85 17.62 7.23
C LYS B 90 11.09 17.97 8.05
N LYS B 91 11.78 19.03 7.67
CA LYS B 91 13.04 19.41 8.33
C LYS B 91 12.82 20.39 9.48
N HIS B 92 11.57 20.83 9.70
CA HIS B 92 11.32 21.85 10.72
C HIS B 92 11.76 21.37 12.10
N GLU B 93 11.41 20.14 12.45
CA GLU B 93 11.87 19.54 13.69
C GLU B 93 12.04 18.04 13.49
N THR B 94 12.68 17.40 14.46
CA THR B 94 12.93 15.97 14.38
C THR B 94 13.32 15.46 15.76
N ALA B 95 13.22 14.14 15.93
CA ALA B 95 13.74 13.52 17.15
C ALA B 95 15.25 13.57 17.16
N ILE B 96 15.88 13.34 16.01
CA ILE B 96 17.33 13.44 15.87
C ILE B 96 17.65 13.79 14.43
N VAL B 97 18.53 14.78 14.25
CA VAL B 97 19.02 15.13 12.92
C VAL B 97 20.04 14.06 12.51
N ARG B 98 19.65 13.20 11.59
CA ARG B 98 20.50 12.09 11.18
C ARG B 98 21.48 12.47 10.07
N ASP B 99 21.18 13.53 9.32
CA ASP B 99 22.02 13.98 8.21
C ASP B 99 22.38 15.45 8.40
N PRO B 100 22.99 15.80 9.53
CA PRO B 100 23.27 17.21 9.80
C PRO B 100 24.29 17.75 8.80
N VAL B 101 24.11 19.03 8.45
CA VAL B 101 25.10 19.70 7.63
C VAL B 101 26.41 19.75 8.42
N THR B 102 27.49 19.33 7.80
CA THR B 102 28.79 19.31 8.46
C THR B 102 29.79 20.21 7.77
N VAL B 103 30.87 20.54 8.48
CA VAL B 103 32.03 21.23 7.93
C VAL B 103 33.28 20.42 8.30
N THR B 104 34.42 20.84 7.77
CA THR B 104 35.70 20.22 8.07
C THR B 104 36.63 21.24 8.71
N PRO B 105 37.72 20.80 9.35
CA PRO B 105 38.61 21.77 10.00
C PRO B 105 39.15 22.84 9.07
N SER B 106 39.38 22.52 7.80
CA SER B 106 39.97 23.49 6.87
C SER B 106 38.92 24.34 6.18
N THR B 107 37.63 24.14 6.49
CA THR B 107 36.60 25.03 5.99
C THR B 107 36.86 26.45 6.46
N LYS B 108 36.67 27.40 5.56
CA LYS B 108 36.92 28.80 5.89
C LYS B 108 35.77 29.35 6.72
N ILE B 109 36.09 30.20 7.69
CA ILE B 109 35.06 30.78 8.54
C ILE B 109 34.06 31.54 7.67
N ILE B 110 34.54 32.14 6.58
CA ILE B 110 33.65 32.95 5.75
C ILE B 110 32.56 32.08 5.15
N GLU B 111 32.91 30.86 4.74
CA GLU B 111 31.88 29.94 4.26
C GLU B 111 30.87 29.64 5.37
N LEU B 112 31.37 29.36 6.57
CA LEU B 112 30.47 29.03 7.67
C LEU B 112 29.48 30.17 7.92
N LEU B 113 29.97 31.41 7.93
CA LEU B 113 29.07 32.54 8.12
C LEU B 113 27.99 32.58 7.04
N GLN B 114 28.36 32.29 5.79
CA GLN B 114 27.37 32.26 4.72
C GLN B 114 26.43 31.07 4.90
N MET B 115 26.97 29.92 5.34
CA MET B 115 26.12 28.76 5.57
C MET B 115 25.09 29.04 6.64
N ALA B 116 25.52 29.68 7.73
CA ALA B 116 24.59 30.04 8.80
C ALA B 116 23.47 30.93 8.28
N ARG B 117 23.80 31.89 7.43
CA ARG B 117 22.77 32.77 6.89
C ARG B 117 21.76 32.02 6.03
N GLU B 118 22.24 31.11 5.17
CA GLU B 118 21.33 30.46 4.25
C GLU B 118 20.47 29.43 4.98
N TYR B 119 21.05 28.73 5.97
CA TYR B 119 20.32 27.63 6.60
C TYR B 119 19.42 28.09 7.74
N GLY B 120 19.74 29.20 8.40
CA GLY B 120 18.96 29.62 9.54
C GLY B 120 19.38 29.01 10.87
N PHE B 121 20.36 28.11 10.86
CA PHE B 121 20.97 27.60 12.07
C PHE B 121 22.47 27.79 11.94
N SER B 122 23.17 27.74 13.08
CA SER B 122 24.60 28.01 13.10
C SER B 122 25.43 26.87 13.68
N GLY B 123 24.81 25.71 13.94
CA GLY B 123 25.51 24.59 14.54
C GLY B 123 25.94 23.58 13.49
N PHE B 124 27.24 23.33 13.43
CA PHE B 124 27.80 22.41 12.45
C PHE B 124 28.83 21.49 13.10
N PRO B 125 28.56 20.18 13.18
CA PRO B 125 29.63 19.25 13.53
C PRO B 125 30.78 19.37 12.56
N VAL B 126 31.99 19.18 13.07
CA VAL B 126 33.22 19.25 12.28
C VAL B 126 33.74 17.83 12.15
N VAL B 127 33.92 17.38 10.92
CA VAL B 127 34.27 15.99 10.66
C VAL B 127 35.49 15.90 9.75
N GLU B 128 36.21 14.77 9.86
CA GLU B 128 37.24 14.41 8.90
C GLU B 128 36.94 13.00 8.41
N GLN B 129 36.51 12.88 7.15
CA GLN B 129 36.12 11.59 6.58
C GLN B 129 35.19 10.81 7.51
N GLY B 130 34.16 11.47 7.98
CA GLY B 130 33.14 10.87 8.82
C GLY B 130 33.46 10.83 10.30
N GLU B 131 34.69 11.13 10.69
CA GLU B 131 35.13 11.03 12.07
C GLU B 131 34.88 12.39 12.71
N LEU B 132 34.29 12.39 13.91
CA LEU B 132 33.98 13.63 14.61
C LEU B 132 35.22 14.24 15.24
N VAL B 133 35.53 15.48 14.89
CA VAL B 133 36.74 16.15 15.38
C VAL B 133 36.46 17.51 16.00
N GLY B 134 35.23 17.99 16.00
CA GLY B 134 34.92 19.24 16.66
C GLY B 134 33.47 19.62 16.48
N ILE B 135 33.12 20.80 17.01
CA ILE B 135 31.82 21.41 16.73
C ILE B 135 31.98 22.92 16.75
N VAL B 136 31.26 23.59 15.86
CA VAL B 136 31.24 25.05 15.80
C VAL B 136 29.79 25.51 15.78
N THR B 137 29.49 26.54 16.56
CA THR B 137 28.12 26.98 16.76
C THR B 137 28.06 28.50 16.69
N GLY B 138 26.85 29.03 16.83
CA GLY B 138 26.65 30.47 16.69
C GLY B 138 27.55 31.29 17.61
N ARG B 139 27.68 30.86 18.87
CA ARG B 139 28.52 31.62 19.79
C ARG B 139 29.98 31.58 19.35
N ASP B 140 30.44 30.47 18.79
CA ASP B 140 31.81 30.40 18.27
C ASP B 140 32.02 31.35 17.09
N LEU B 141 30.99 31.54 16.27
CA LEU B 141 31.16 32.38 15.09
C LEU B 141 31.28 33.85 15.42
N ARG B 142 31.05 34.24 16.68
CA ARG B 142 31.29 35.62 17.10
C ARG B 142 32.75 35.93 17.34
N VAL B 143 33.58 34.89 17.41
CA VAL B 143 34.99 35.06 17.76
C VAL B 143 35.75 35.37 16.48
N LYS B 144 36.53 36.45 16.51
CA LYS B 144 37.50 36.74 15.46
C LYS B 144 38.84 36.26 15.97
N PRO B 145 39.35 35.12 15.49
CA PRO B 145 40.54 34.52 16.12
C PRO B 145 41.81 35.34 15.94
N ASN B 146 42.71 35.21 16.90
CA ASN B 146 44.01 35.87 16.81
C ASN B 146 44.72 35.51 15.51
N ALA B 147 44.73 34.23 15.16
CA ALA B 147 45.40 33.74 13.97
C ALA B 147 44.53 32.70 13.29
N GLY B 148 44.62 32.65 11.97
CA GLY B 148 43.89 31.67 11.20
C GLY B 148 42.53 32.16 10.74
N ASP B 149 42.03 31.52 9.69
CA ASP B 149 40.75 31.89 9.12
C ASP B 149 39.86 30.68 8.84
N THR B 150 40.13 29.55 9.46
CA THR B 150 39.34 28.35 9.24
C THR B 150 38.61 27.93 10.53
N VAL B 151 37.70 26.97 10.33
CA VAL B 151 36.89 26.45 11.43
C VAL B 151 37.76 25.97 12.58
N ALA B 152 38.91 25.37 12.25
CA ALA B 152 39.80 24.85 13.29
C ALA B 152 40.15 25.92 14.32
N ALA B 153 40.11 27.18 13.94
CA ALA B 153 40.54 28.24 14.84
C ALA B 153 39.47 28.64 15.84
N ILE B 154 38.21 28.27 15.62
CA ILE B 154 37.15 28.74 16.51
C ILE B 154 36.26 27.61 17.00
N MET B 155 36.47 26.42 16.47
CA MET B 155 35.63 25.30 16.89
C MET B 155 35.97 24.86 18.31
N THR B 156 34.99 24.23 18.95
CA THR B 156 35.27 23.48 20.17
C THR B 156 36.02 22.21 19.79
N PRO B 157 37.20 21.95 20.36
CA PRO B 157 38.04 20.85 19.86
C PRO B 157 37.58 19.49 20.37
N LYS B 158 38.17 18.44 19.78
CA LYS B 158 37.73 17.08 20.06
C LYS B 158 37.75 16.76 21.56
N ASP B 159 38.80 17.19 22.26
CA ASP B 159 38.96 16.84 23.67
C ASP B 159 37.87 17.45 24.55
N LYS B 160 37.12 18.43 24.06
CA LYS B 160 36.07 19.06 24.84
C LYS B 160 34.68 18.65 24.40
N LEU B 161 34.54 17.76 23.42
CA LEU B 161 33.22 17.42 22.91
C LEU B 161 32.42 16.59 23.91
N VAL B 162 31.15 16.95 24.07
CA VAL B 162 30.18 16.16 24.83
C VAL B 162 29.39 15.34 23.84
N THR B 163 29.36 14.02 24.03
CA THR B 163 28.76 13.13 23.05
C THR B 163 27.98 12.05 23.76
N ALA B 164 27.11 11.38 23.01
CA ALA B 164 26.40 10.19 23.46
C ALA B 164 26.47 9.13 22.37
N ARG B 165 26.50 7.87 22.80
CA ARG B 165 26.52 6.76 21.86
C ARG B 165 25.15 6.56 21.25
N GLU B 166 25.08 6.14 19.97
CA GLU B 166 23.81 5.87 19.26
C GLU B 166 22.97 4.88 20.10
N GLY B 167 21.69 5.17 20.36
CA GLY B 167 20.80 4.28 21.12
C GLY B 167 20.53 4.78 22.53
N THR B 168 21.33 5.73 23.02
CA THR B 168 21.18 6.32 24.38
C THR B 168 19.80 6.95 24.48
N PRO B 169 19.04 6.77 25.58
CA PRO B 169 17.70 7.34 25.71
C PRO B 169 17.75 8.89 25.75
N LEU B 170 16.67 9.53 25.31
CA LEU B 170 16.54 11.00 25.19
C LEU B 170 16.68 11.66 26.57
N GLU B 171 16.10 11.07 27.62
CA GLU B 171 16.15 11.63 29.01
C GLU B 171 17.62 11.69 29.44
N GLU B 172 18.36 10.61 29.19
CA GLU B 172 19.81 10.45 29.49
C GLU B 172 20.58 11.49 28.66
N MET B 173 20.20 11.69 27.39
CA MET B 173 20.84 12.68 26.49
C MET B 173 20.59 14.08 27.03
N LYS B 174 19.39 14.33 27.56
CA LYS B 174 18.95 15.64 28.10
C LYS B 174 19.76 15.99 29.34
N ALA B 175 19.93 15.04 30.27
CA ALA B 175 20.69 15.29 31.49
C ALA B 175 22.10 15.76 31.17
N LYS B 176 22.73 15.16 30.16
CA LYS B 176 24.10 15.53 29.82
C LYS B 176 24.15 16.88 29.12
N LEU B 177 23.14 17.19 28.30
CA LEU B 177 23.02 18.53 27.75
C LEU B 177 22.98 19.58 28.86
N TYR B 178 22.09 19.40 29.85
CA TYR B 178 21.91 20.41 30.87
C TYR B 178 23.13 20.53 31.76
N GLU B 179 23.71 19.39 32.17
CA GLU B 179 24.89 19.43 33.02
C GLU B 179 26.04 20.21 32.39
N ASN B 180 26.18 20.16 31.07
CA ASN B 180 27.28 20.81 30.39
C ASN B 180 26.92 22.19 29.85
N ARG B 181 25.69 22.67 30.13
CA ARG B 181 25.22 23.99 29.73
C ARG B 181 25.35 24.20 28.22
N ILE B 182 25.00 23.16 27.45
CA ILE B 182 25.04 23.19 25.99
C ILE B 182 23.66 22.81 25.46
N GLU B 183 23.45 23.09 24.17
CA GLU B 183 22.15 22.85 23.54
C GLU B 183 22.26 21.94 22.32
N LYS B 184 23.37 21.24 22.16
CA LYS B 184 23.57 20.29 21.07
C LYS B 184 24.22 19.05 21.66
N MET B 185 23.69 17.89 21.31
CA MET B 185 24.30 16.61 21.69
C MET B 185 24.76 15.94 20.41
N LEU B 186 26.06 15.64 20.35
CA LEU B 186 26.66 14.92 19.24
C LEU B 186 26.52 13.43 19.50
N VAL B 187 25.94 12.72 18.54
CA VAL B 187 25.71 11.28 18.64
C VAL B 187 26.76 10.57 17.80
N VAL B 188 27.47 9.62 18.40
CA VAL B 188 28.58 8.94 17.74
C VAL B 188 28.45 7.43 17.93
N ASP B 189 29.17 6.69 17.09
CA ASP B 189 29.25 5.25 17.22
C ASP B 189 30.53 4.88 18.00
N GLU B 190 30.85 3.59 18.03
CA GLU B 190 31.95 3.13 18.87
C GLU B 190 33.32 3.64 18.41
N ASN B 191 33.44 4.07 17.15
CA ASN B 191 34.71 4.57 16.61
C ASN B 191 34.72 6.09 16.54
N PHE B 192 33.79 6.75 17.24
CA PHE B 192 33.66 8.21 17.28
C PHE B 192 33.38 8.80 15.90
N TYR B 193 32.65 8.05 15.07
CA TYR B 193 32.11 8.59 13.83
C TYR B 193 30.77 9.27 14.09
N LEU B 194 30.55 10.41 13.44
CA LEU B 194 29.33 11.17 13.67
C LEU B 194 28.13 10.40 13.12
N ARG B 195 27.11 10.21 13.97
CA ARG B 195 25.89 9.53 13.57
C ARG B 195 24.64 10.38 13.70
N GLY B 196 24.71 11.53 14.35
CA GLY B 196 23.53 12.38 14.46
C GLY B 196 23.77 13.55 15.40
N LEU B 197 22.75 14.39 15.47
CA LEU B 197 22.78 15.63 16.25
C LEU B 197 21.40 15.84 16.87
N VAL B 198 21.35 15.97 18.19
CA VAL B 198 20.12 16.27 18.91
C VAL B 198 20.22 17.71 19.41
N THR B 199 19.13 18.46 19.29
CA THR B 199 19.14 19.87 19.67
C THR B 199 18.12 20.15 20.77
N PHE B 200 18.50 21.06 21.67
CA PHE B 200 17.57 21.55 22.68
C PHE B 200 16.29 22.08 22.03
N ARG B 201 16.42 22.79 20.91
CA ARG B 201 15.23 23.34 20.26
C ARG B 201 14.22 22.24 19.95
N ASP B 202 14.69 21.13 19.39
CA ASP B 202 13.79 20.04 19.02
C ASP B 202 13.13 19.43 20.25
N ILE B 203 13.89 19.25 21.32
CA ILE B 203 13.32 18.80 22.59
C ILE B 203 12.20 19.74 23.02
N GLU B 204 12.45 21.05 22.97
CA GLU B 204 11.46 22.01 23.46
C GLU B 204 10.25 22.09 22.55
N LYS B 205 10.45 22.02 21.23
CA LYS B 205 9.33 22.05 20.30
C LYS B 205 8.39 20.88 20.55
N ALA B 206 8.94 19.71 20.87
CA ALA B 206 8.09 18.54 21.13
C ALA B 206 7.27 18.72 22.39
N LYS B 207 7.87 19.33 23.42
CA LYS B 207 7.14 19.58 24.66
C LYS B 207 6.07 20.64 24.48
N THR B 208 6.31 21.61 23.60
CA THR B 208 5.34 22.69 23.40
C THR B 208 4.10 22.20 22.68
N TYR B 209 4.26 21.28 21.72
CA TYR B 209 3.15 20.78 20.90
C TYR B 209 3.08 19.26 21.01
N PRO B 210 2.67 18.73 22.16
CA PRO B 210 2.63 17.27 22.30
C PRO B 210 1.56 16.64 21.44
N LEU B 211 0.61 17.43 20.94
CA LEU B 211 -0.41 16.94 20.03
C LEU B 211 0.06 16.86 18.58
N ALA B 212 1.27 17.32 18.29
CA ALA B 212 1.67 17.50 16.89
C ALA B 212 1.58 16.20 16.11
N SER B 213 1.16 16.31 14.85
CA SER B 213 1.12 15.19 13.92
C SER B 213 2.54 14.92 13.42
N LYS B 214 3.10 13.77 13.79
CA LYS B 214 4.48 13.46 13.44
C LYS B 214 4.58 12.02 12.96
N ASP B 215 5.63 11.76 12.17
CA ASP B 215 5.93 10.41 11.72
C ASP B 215 6.81 9.70 12.75
N GLU B 216 7.27 8.48 12.41
CA GLU B 216 8.05 7.67 13.34
C GLU B 216 9.41 8.27 13.64
N GLN B 217 9.88 9.21 12.83
CA GLN B 217 11.15 9.88 13.09
C GLN B 217 10.99 11.16 13.88
N GLY B 218 9.77 11.48 14.31
CA GLY B 218 9.52 12.72 15.01
C GLY B 218 9.42 13.95 14.14
N ARG B 219 9.30 13.78 12.83
CA ARG B 219 9.13 14.90 11.92
C ARG B 219 7.65 15.18 11.71
N LEU B 220 7.32 16.46 11.55
CA LEU B 220 5.94 16.83 11.27
C LEU B 220 5.46 16.20 9.97
N ARG B 221 4.19 15.79 9.97
CA ARG B 221 3.57 15.24 8.78
C ARG B 221 3.12 16.33 7.83
N VAL B 222 3.07 15.98 6.54
CA VAL B 222 2.63 16.91 5.51
C VAL B 222 2.13 16.10 4.33
N GLY B 223 1.17 16.67 3.60
CA GLY B 223 0.72 16.13 2.33
C GLY B 223 1.02 17.09 1.19
N ALA B 224 0.83 16.60 -0.03
CA ALA B 224 1.03 17.41 -1.22
C ALA B 224 0.10 16.95 -2.33
N ALA B 225 -0.45 17.90 -3.07
CA ALA B 225 -1.39 17.60 -4.14
C ALA B 225 -0.67 17.36 -5.46
N VAL B 226 -1.24 16.45 -6.27
CA VAL B 226 -0.83 16.26 -7.65
C VAL B 226 -2.09 16.14 -8.48
N GLY B 227 -1.95 16.34 -9.78
CA GLY B 227 -3.07 16.19 -10.68
C GLY B 227 -2.98 14.92 -11.50
N THR B 228 -3.39 14.96 -12.77
CA THR B 228 -3.26 13.82 -13.68
C THR B 228 -2.50 14.19 -14.94
N GLY B 229 -1.93 15.39 -15.03
CA GLY B 229 -1.24 15.84 -16.21
C GLY B 229 0.07 15.11 -16.48
N ALA B 230 0.75 15.58 -17.53
CA ALA B 230 1.92 14.88 -18.04
C ALA B 230 3.06 14.84 -17.02
N ASP B 231 3.18 15.88 -16.19
CA ASP B 231 4.31 15.97 -15.23
C ASP B 231 3.94 15.30 -13.90
N THR B 232 2.87 14.51 -13.84
CA THR B 232 2.44 13.96 -12.56
C THR B 232 3.42 12.92 -12.03
N GLY B 233 3.89 12.00 -12.89
CA GLY B 233 4.81 10.98 -12.40
C GLY B 233 6.07 11.58 -11.82
N GLU B 234 6.65 12.54 -12.52
CA GLU B 234 7.85 13.22 -12.03
C GLU B 234 7.55 13.99 -10.76
N ARG B 235 6.38 14.63 -10.68
CA ARG B 235 6.05 15.40 -9.48
C ARG B 235 5.90 14.49 -8.27
N VAL B 236 5.18 13.38 -8.41
CA VAL B 236 5.02 12.45 -7.30
C VAL B 236 6.38 11.96 -6.83
N ALA B 237 7.24 11.58 -7.77
CA ALA B 237 8.55 11.06 -7.40
C ALA B 237 9.32 12.07 -6.55
N ALA B 238 9.29 13.35 -6.96
CA ALA B 238 10.02 14.37 -6.20
C ALA B 238 9.41 14.57 -4.83
N LEU B 239 8.09 14.48 -4.72
CA LEU B 239 7.43 14.68 -3.42
C LEU B 239 7.73 13.53 -2.48
N VAL B 240 7.70 12.29 -2.99
CA VAL B 240 8.05 11.14 -2.17
C VAL B 240 9.51 11.25 -1.71
N ALA B 241 10.41 11.62 -2.62
CA ALA B 241 11.82 11.74 -2.27
C ALA B 241 12.03 12.80 -1.19
N ALA B 242 11.22 13.85 -1.18
CA ALA B 242 11.31 14.90 -0.17
C ALA B 242 10.70 14.50 1.17
N GLY B 243 10.07 13.34 1.27
CA GLY B 243 9.55 12.84 2.53
C GLY B 243 8.07 13.05 2.76
N VAL B 244 7.29 13.32 1.72
CA VAL B 244 5.87 13.56 1.89
C VAL B 244 5.21 12.34 2.51
N ASP B 245 4.27 12.59 3.43
CA ASP B 245 3.58 11.50 4.11
C ASP B 245 2.41 10.99 3.30
N VAL B 246 1.76 11.86 2.52
CA VAL B 246 0.56 11.50 1.78
C VAL B 246 0.51 12.32 0.49
N VAL B 247 0.27 11.63 -0.61
CA VAL B 247 0.05 12.24 -1.93
C VAL B 247 -1.44 12.32 -2.15
N VAL B 248 -1.92 13.51 -2.49
CA VAL B 248 -3.33 13.74 -2.73
C VAL B 248 -3.54 13.88 -4.24
N VAL B 249 -4.10 12.85 -4.86
CA VAL B 249 -4.47 12.93 -6.28
C VAL B 249 -5.77 13.73 -6.32
N ASP B 250 -5.68 14.99 -6.72
CA ASP B 250 -6.66 16.02 -6.42
C ASP B 250 -7.19 16.58 -7.73
N THR B 251 -8.41 16.22 -8.09
CA THR B 251 -9.01 16.67 -9.33
C THR B 251 -10.46 17.07 -9.08
N ALA B 252 -11.04 17.73 -10.07
CA ALA B 252 -12.44 18.12 -9.98
C ALA B 252 -13.38 16.91 -10.01
N HIS B 253 -12.94 15.80 -10.61
CA HIS B 253 -13.82 14.65 -10.85
C HIS B 253 -12.99 13.38 -10.61
N GLY B 254 -12.99 12.90 -9.37
CA GLY B 254 -12.24 11.71 -9.04
C GLY B 254 -12.84 10.43 -9.58
N HIS B 255 -14.13 10.42 -9.89
CA HIS B 255 -14.78 9.24 -10.47
C HIS B 255 -14.56 9.21 -11.98
N SER B 256 -13.30 9.11 -12.37
CA SER B 256 -12.91 9.15 -13.76
C SER B 256 -11.78 8.16 -13.98
N LYS B 257 -11.64 7.72 -15.23
CA LYS B 257 -10.59 6.78 -15.59
C LYS B 257 -9.21 7.38 -15.27
N GLY B 258 -9.01 8.67 -15.57
CA GLY B 258 -7.72 9.27 -15.31
C GLY B 258 -7.32 9.26 -13.84
N VAL B 259 -8.26 9.54 -12.95
CA VAL B 259 -7.90 9.63 -11.54
C VAL B 259 -7.75 8.24 -10.95
N ILE B 260 -8.65 7.33 -11.31
CA ILE B 260 -8.55 5.95 -10.82
C ILE B 260 -7.24 5.34 -11.24
N GLU B 261 -6.83 5.56 -12.49
CA GLU B 261 -5.57 4.99 -12.97
C GLU B 261 -4.37 5.64 -12.28
N ARG B 262 -4.43 6.93 -12.00
CA ARG B 262 -3.30 7.56 -11.33
C ARG B 262 -3.20 7.11 -9.87
N VAL B 263 -4.33 6.96 -9.18
CA VAL B 263 -4.29 6.47 -7.81
C VAL B 263 -3.65 5.08 -7.78
N ARG B 264 -4.07 4.20 -8.70
CA ARG B 264 -3.50 2.86 -8.76
C ARG B 264 -2.00 2.92 -9.03
N TRP B 265 -1.58 3.83 -9.92
CA TRP B 265 -0.17 3.96 -10.26
C TRP B 265 0.66 4.40 -9.06
N VAL B 266 0.14 5.34 -8.26
CA VAL B 266 0.89 5.76 -7.07
C VAL B 266 1.02 4.61 -6.10
N LYS B 267 -0.07 3.87 -5.87
CA LYS B 267 -0.01 2.72 -4.97
C LYS B 267 1.00 1.69 -5.46
N GLN B 268 1.09 1.49 -6.78
CA GLN B 268 1.99 0.46 -7.29
C GLN B 268 3.45 0.92 -7.28
N THR B 269 3.69 2.17 -7.68
CA THR B 269 5.05 2.65 -7.88
C THR B 269 5.70 3.08 -6.57
N PHE B 270 4.91 3.59 -5.64
CA PHE B 270 5.39 4.10 -4.36
C PHE B 270 4.54 3.49 -3.26
N PRO B 271 4.72 2.20 -3.01
CA PRO B 271 3.83 1.51 -2.05
C PRO B 271 3.94 2.02 -0.63
N ASP B 272 5.03 2.71 -0.28
CA ASP B 272 5.24 3.13 1.09
C ASP B 272 4.65 4.50 1.42
N VAL B 273 3.97 5.14 0.47
CA VAL B 273 3.33 6.43 0.74
C VAL B 273 1.83 6.24 0.77
N GLN B 274 1.18 7.05 1.59
CA GLN B 274 -0.27 7.09 1.64
C GLN B 274 -0.79 7.90 0.47
N VAL B 275 -1.97 7.51 -0.03
CA VAL B 275 -2.57 8.16 -1.19
C VAL B 275 -4.02 8.49 -0.89
N ILE B 276 -4.40 9.75 -1.16
CA ILE B 276 -5.78 10.22 -1.09
C ILE B 276 -6.25 10.47 -2.51
N GLY B 277 -7.49 10.08 -2.80
CA GLY B 277 -8.10 10.34 -4.09
C GLY B 277 -9.37 11.16 -3.97
N GLY B 278 -9.58 12.05 -4.93
CA GLY B 278 -10.81 12.84 -4.96
C GLY B 278 -10.78 13.80 -6.14
N ASN B 279 -11.83 14.62 -6.23
CA ASN B 279 -12.94 14.63 -5.28
C ASN B 279 -14.12 13.84 -5.81
N ILE B 280 -14.94 13.32 -4.88
CA ILE B 280 -16.10 12.50 -5.23
C ILE B 280 -17.30 12.95 -4.40
N ALA B 281 -18.48 12.43 -4.80
CA ALA B 281 -19.69 12.74 -4.06
C ALA B 281 -20.74 11.64 -4.11
N THR B 282 -20.37 10.42 -4.49
CA THR B 282 -21.33 9.34 -4.58
C THR B 282 -20.72 8.07 -3.98
N ALA B 283 -21.61 7.11 -3.68
CA ALA B 283 -21.19 5.81 -3.17
C ALA B 283 -20.41 5.01 -4.21
N GLU B 284 -20.86 5.04 -5.48
CA GLU B 284 -20.16 4.28 -6.52
C GLU B 284 -18.75 4.81 -6.72
N ALA B 285 -18.57 6.14 -6.61
CA ALA B 285 -17.24 6.72 -6.75
C ALA B 285 -16.34 6.30 -5.60
N ALA B 286 -16.89 6.26 -4.38
CA ALA B 286 -16.11 5.85 -3.22
C ALA B 286 -15.62 4.41 -3.37
N LYS B 287 -16.51 3.51 -3.83
CA LYS B 287 -16.11 2.13 -4.03
C LYS B 287 -15.05 2.01 -5.11
N ALA B 288 -15.19 2.81 -6.18
CA ALA B 288 -14.20 2.77 -7.25
C ALA B 288 -12.82 3.21 -6.78
N LEU B 289 -12.75 4.29 -5.98
CA LEU B 289 -11.44 4.74 -5.50
C LEU B 289 -10.88 3.79 -4.46
N ALA B 290 -11.73 3.24 -3.59
CA ALA B 290 -11.27 2.24 -2.62
C ALA B 290 -10.72 1.00 -3.33
N GLU B 291 -11.41 0.55 -4.38
CA GLU B 291 -10.94 -0.60 -5.14
C GLU B 291 -9.62 -0.29 -5.86
N ALA B 292 -9.41 0.97 -6.24
CA ALA B 292 -8.15 1.36 -6.85
C ALA B 292 -7.01 1.44 -5.84
N GLY B 293 -7.29 1.38 -4.54
CA GLY B 293 -6.27 1.36 -3.52
C GLY B 293 -6.10 2.65 -2.74
N ALA B 294 -6.99 3.61 -2.89
CA ALA B 294 -6.90 4.84 -2.13
C ALA B 294 -6.88 4.53 -0.63
N ASP B 295 -6.02 5.23 0.10
CA ASP B 295 -5.98 5.13 1.55
C ASP B 295 -6.99 6.04 2.23
N ALA B 296 -7.60 6.96 1.48
CA ALA B 296 -8.72 7.76 1.92
C ALA B 296 -9.34 8.38 0.68
N VAL B 297 -10.58 8.81 0.80
CA VAL B 297 -11.26 9.54 -0.26
C VAL B 297 -11.65 10.91 0.24
N LYS B 298 -11.67 11.88 -0.68
CA LYS B 298 -12.05 13.25 -0.39
C LYS B 298 -13.38 13.56 -1.06
N VAL B 299 -14.32 14.04 -0.26
CA VAL B 299 -15.72 14.17 -0.65
C VAL B 299 -16.04 15.64 -0.84
N GLY B 300 -16.50 15.99 -2.04
CA GLY B 300 -16.97 17.35 -2.26
C GLY B 300 -16.94 17.80 -3.70
N ILE B 301 -18.11 17.83 -4.35
CA ILE B 301 -18.25 18.35 -5.70
C ILE B 301 -19.25 19.50 -5.62
N GLY B 302 -18.75 20.73 -5.72
CA GLY B 302 -19.60 21.90 -5.72
C GLY B 302 -19.53 22.84 -4.52
N PRO B 303 -19.38 22.32 -3.30
CA PRO B 303 -19.71 23.12 -2.11
C PRO B 303 -18.70 24.20 -1.73
N GLY B 304 -17.55 24.31 -2.40
CA GLY B 304 -16.53 25.24 -1.95
C GLY B 304 -17.01 26.69 -2.00
N SER B 305 -16.62 27.46 -0.99
CA SER B 305 -17.00 28.87 -0.90
C SER B 305 -16.74 29.62 -2.21
N ILE B 306 -15.59 29.39 -2.85
CA ILE B 306 -15.25 30.14 -4.05
C ILE B 306 -15.38 29.29 -5.31
N CYS B 307 -16.15 28.22 -5.18
CA CYS B 307 -16.31 27.17 -6.21
C CYS B 307 -17.51 27.53 -7.12
N THR B 308 -17.36 27.39 -8.44
CA THR B 308 -18.33 27.69 -9.44
C THR B 308 -18.87 26.46 -10.17
N THR B 309 -18.43 25.27 -9.79
CA THR B 309 -18.81 24.04 -10.47
C THR B 309 -20.32 23.91 -10.63
N ARG B 310 -21.06 24.16 -9.57
CA ARG B 310 -22.50 23.96 -9.65
C ARG B 310 -23.17 24.99 -10.55
N ILE B 311 -22.61 26.18 -10.67
CA ILE B 311 -23.22 27.19 -11.53
C ILE B 311 -22.75 27.06 -12.98
N VAL B 312 -21.48 26.73 -13.18
CA VAL B 312 -20.94 26.69 -14.54
C VAL B 312 -21.30 25.40 -15.24
N ALA B 313 -21.27 24.29 -14.50
CA ALA B 313 -21.57 22.97 -15.07
C ALA B 313 -22.91 22.41 -14.63
N GLY B 314 -23.51 22.98 -13.57
CA GLY B 314 -24.77 22.48 -13.08
C GLY B 314 -24.67 21.19 -12.30
N VAL B 315 -23.47 20.88 -11.82
CA VAL B 315 -23.14 19.57 -11.27
C VAL B 315 -22.83 19.74 -9.80
N GLY B 316 -23.30 18.81 -8.98
CA GLY B 316 -22.93 18.79 -7.58
C GLY B 316 -23.87 17.96 -6.76
N VAL B 317 -23.43 17.72 -5.53
CA VAL B 317 -24.27 17.05 -4.53
C VAL B 317 -24.17 17.80 -3.19
N PRO B 318 -25.29 18.28 -2.65
CA PRO B 318 -25.27 18.88 -1.31
C PRO B 318 -24.46 18.03 -0.32
N GLN B 319 -23.65 18.71 0.49
CA GLN B 319 -22.50 18.04 1.11
C GLN B 319 -22.90 17.08 2.22
N ILE B 320 -23.95 17.38 2.98
CA ILE B 320 -24.36 16.46 4.05
C ILE B 320 -24.75 15.11 3.47
N SER B 321 -25.57 15.12 2.42
CA SER B 321 -25.94 13.86 1.78
C SER B 321 -24.73 13.20 1.11
N ALA B 322 -23.85 13.98 0.49
CA ALA B 322 -22.67 13.39 -0.14
C ALA B 322 -21.82 12.65 0.88
N ILE B 323 -21.60 13.27 2.04
CA ILE B 323 -20.81 12.64 3.10
C ILE B 323 -21.45 11.34 3.55
N ALA B 324 -22.76 11.38 3.82
CA ALA B 324 -23.46 10.20 4.34
C ALA B 324 -23.48 9.07 3.33
N ASN B 325 -23.66 9.41 2.04
CA ASN B 325 -23.67 8.38 1.00
C ASN B 325 -22.30 7.73 0.87
N VAL B 326 -21.24 8.53 0.94
CA VAL B 326 -19.89 7.98 0.87
C VAL B 326 -19.57 7.17 2.12
N ALA B 327 -19.94 7.67 3.30
CA ALA B 327 -19.66 6.94 4.54
C ALA B 327 -20.32 5.58 4.55
N ALA B 328 -21.58 5.50 4.10
CA ALA B 328 -22.27 4.21 4.04
C ALA B 328 -21.57 3.27 3.08
N ALA B 329 -21.09 3.79 1.95
CA ALA B 329 -20.41 2.94 0.98
C ALA B 329 -19.10 2.38 1.53
N LEU B 330 -18.43 3.10 2.41
CA LEU B 330 -17.13 2.68 2.90
C LEU B 330 -17.18 2.02 4.28
N GLU B 331 -18.35 1.89 4.86
CA GLU B 331 -18.48 1.24 6.16
C GLU B 331 -17.88 -0.15 6.11
N GLY B 332 -17.00 -0.44 7.05
CA GLY B 332 -16.37 -1.74 7.13
C GLY B 332 -15.13 -1.91 6.26
N THR B 333 -14.79 -0.91 5.44
CA THR B 333 -13.63 -1.03 4.58
C THR B 333 -12.35 -0.56 5.24
N GLY B 334 -12.45 0.28 6.26
CA GLY B 334 -11.29 0.91 6.86
C GLY B 334 -10.78 2.14 6.15
N VAL B 335 -11.47 2.62 5.13
CA VAL B 335 -11.02 3.75 4.31
C VAL B 335 -11.67 5.02 4.86
N PRO B 336 -10.92 5.97 5.38
CA PRO B 336 -11.52 7.22 5.85
C PRO B 336 -12.01 8.09 4.70
N LEU B 337 -12.89 9.03 5.04
CA LEU B 337 -13.36 10.03 4.10
C LEU B 337 -13.16 11.43 4.69
N ILE B 338 -12.66 12.33 3.85
CA ILE B 338 -12.36 13.71 4.20
C ILE B 338 -13.44 14.57 3.57
N ALA B 339 -14.12 15.37 4.39
CA ALA B 339 -15.19 16.25 3.92
C ALA B 339 -14.57 17.59 3.52
N ASP B 340 -14.59 17.88 2.22
CA ASP B 340 -13.88 19.01 1.64
C ASP B 340 -14.85 20.04 1.08
N GLY B 341 -14.97 21.17 1.74
CA GLY B 341 -15.67 22.30 1.16
C GLY B 341 -16.99 22.58 1.85
N GLY B 342 -17.38 23.84 1.86
CA GLY B 342 -18.68 24.23 2.37
C GLY B 342 -18.73 24.58 3.85
N ILE B 343 -17.64 24.42 4.58
CA ILE B 343 -17.63 24.70 6.02
C ILE B 343 -17.55 26.21 6.20
N ARG B 344 -18.61 26.81 6.74
CA ARG B 344 -18.60 28.24 7.04
C ARG B 344 -18.49 28.54 8.54
N PHE B 345 -19.02 27.65 9.38
CA PHE B 345 -19.13 27.83 10.82
C PHE B 345 -18.64 26.55 11.49
N SER B 346 -18.18 26.68 12.74
CA SER B 346 -17.80 25.47 13.48
C SER B 346 -18.98 24.50 13.56
N GLY B 347 -20.21 25.00 13.55
CA GLY B 347 -21.36 24.12 13.58
C GLY B 347 -21.44 23.20 12.38
N ASP B 348 -21.02 23.70 11.20
CA ASP B 348 -20.98 22.86 10.01
C ASP B 348 -20.00 21.70 10.18
N LEU B 349 -18.87 21.98 10.82
CA LEU B 349 -17.89 20.94 11.06
C LEU B 349 -18.48 19.81 11.88
N ALA B 350 -19.21 20.14 12.95
CA ALA B 350 -19.83 19.12 13.78
C ALA B 350 -20.82 18.29 12.97
N LYS B 351 -21.62 18.94 12.13
CA LYS B 351 -22.59 18.24 11.30
C LYS B 351 -21.91 17.31 10.32
N ALA B 352 -20.76 17.75 9.77
CA ALA B 352 -19.96 16.97 8.80
C ALA B 352 -19.52 15.67 9.47
N MET B 353 -19.06 15.77 10.73
CA MET B 353 -18.57 14.61 11.53
C MET B 353 -19.72 13.64 11.83
N VAL B 354 -20.92 14.14 12.16
CA VAL B 354 -22.10 13.30 12.52
C VAL B 354 -22.65 12.61 11.26
N ALA B 355 -22.53 13.24 10.08
CA ALA B 355 -22.90 12.62 8.82
C ALA B 355 -21.92 11.55 8.35
N GLY B 356 -20.73 11.46 8.96
CA GLY B 356 -19.83 10.35 8.66
C GLY B 356 -18.39 10.70 8.32
N ALA B 357 -18.08 11.98 8.24
CA ALA B 357 -16.71 12.36 7.93
C ALA B 357 -15.75 11.89 9.01
N TYR B 358 -14.53 11.53 8.60
CA TYR B 358 -13.46 11.31 9.56
C TYR B 358 -12.71 12.59 9.89
N CYS B 359 -12.58 13.45 8.89
CA CYS B 359 -11.96 14.78 9.09
C CYS B 359 -12.52 15.74 8.05
N VAL B 360 -12.29 17.02 8.27
CA VAL B 360 -12.86 18.10 7.43
C VAL B 360 -11.71 18.93 6.82
N MET B 361 -11.70 19.12 5.50
CA MET B 361 -10.73 19.98 4.79
C MET B 361 -11.34 21.39 4.64
N MET B 362 -10.59 22.46 4.91
CA MET B 362 -11.08 23.83 4.83
C MET B 362 -10.05 24.72 4.15
N GLY B 363 -10.55 25.64 3.35
CA GLY B 363 -9.72 26.60 2.65
C GLY B 363 -9.97 28.01 3.14
N SER B 364 -11.16 28.52 2.85
CA SER B 364 -11.52 29.89 3.21
C SER B 364 -11.26 30.17 4.69
N MET B 365 -11.56 29.23 5.56
CA MET B 365 -11.42 29.50 6.99
C MET B 365 -9.97 29.81 7.35
N PHE B 366 -9.02 29.25 6.61
CA PHE B 366 -7.60 29.45 6.89
C PHE B 366 -6.92 30.48 6.00
N ALA B 367 -7.52 30.80 4.86
CA ALA B 367 -7.02 31.92 4.08
C ALA B 367 -7.09 33.16 4.96
N GLY B 368 -6.08 34.01 4.85
CA GLY B 368 -6.04 35.21 5.66
C GLY B 368 -5.29 35.09 6.96
N THR B 369 -4.96 33.88 7.41
CA THR B 369 -4.19 33.75 8.63
C THR B 369 -2.75 34.22 8.38
N GLU B 370 -2.06 34.54 9.47
CA GLU B 370 -0.66 34.95 9.39
C GLU B 370 0.18 33.93 8.64
N GLU B 371 -0.09 32.64 8.87
CA GLU B 371 0.74 31.57 8.32
C GLU B 371 0.43 31.25 6.87
N ALA B 372 -0.72 31.69 6.36
CA ALA B 372 -1.12 31.43 4.99
C ALA B 372 -0.25 32.22 4.01
N PRO B 373 -0.15 31.76 2.77
CA PRO B 373 0.63 32.52 1.79
C PRO B 373 0.10 33.93 1.61
N GLY B 374 0.95 34.81 1.12
CA GLY B 374 0.54 36.15 0.74
C GLY B 374 0.89 37.20 1.75
N TYR B 384 -6.90 42.69 4.59
CA TYR B 384 -7.40 41.50 3.87
C TYR B 384 -6.27 40.65 3.31
N LYS B 385 -6.61 39.45 2.86
CA LYS B 385 -5.69 38.59 2.12
C LYS B 385 -6.43 37.94 0.96
N SER B 386 -5.69 37.63 -0.09
CA SER B 386 -6.26 37.01 -1.26
C SER B 386 -6.84 35.66 -0.92
N TYR B 387 -7.91 35.29 -1.63
CA TYR B 387 -8.44 33.94 -1.59
C TYR B 387 -9.14 33.66 -2.91
N ARG B 388 -8.59 32.75 -3.70
CA ARG B 388 -9.07 32.51 -5.05
C ARG B 388 -9.20 31.01 -5.30
N GLY B 389 -10.12 30.69 -6.21
CA GLY B 389 -10.28 29.31 -6.60
C GLY B 389 -9.15 28.84 -7.49
N MET B 390 -8.86 27.54 -7.44
CA MET B 390 -7.78 26.96 -8.23
C MET B 390 -8.17 26.73 -9.68
N GLY B 391 -9.45 26.93 -10.01
CA GLY B 391 -9.88 26.96 -11.40
C GLY B 391 -10.30 28.37 -11.78
N PRO B 419 -12.64 27.30 -16.16
CA PRO B 419 -13.23 28.48 -15.51
C PRO B 419 -14.26 28.09 -14.47
N GLU B 420 -13.81 27.40 -13.41
CA GLU B 420 -14.70 26.88 -12.37
C GLU B 420 -14.44 27.45 -10.98
N GLY B 421 -13.69 28.55 -10.89
CA GLY B 421 -13.54 29.27 -9.64
C GLY B 421 -13.51 30.77 -9.87
N ILE B 422 -13.51 31.50 -8.75
CA ILE B 422 -13.41 32.96 -8.77
C ILE B 422 -12.27 33.39 -7.86
N GLU B 423 -11.90 34.67 -7.97
CA GLU B 423 -10.90 35.30 -7.11
C GLU B 423 -11.59 36.27 -6.16
N GLY B 424 -11.16 36.30 -4.91
CA GLY B 424 -11.83 37.08 -3.90
C GLY B 424 -10.91 37.53 -2.77
N ARG B 425 -11.52 38.18 -1.78
CA ARG B 425 -10.83 38.74 -0.63
C ARG B 425 -11.41 38.14 0.65
N VAL B 426 -10.54 37.81 1.60
CA VAL B 426 -10.95 37.47 2.95
C VAL B 426 -10.25 38.40 3.94
N PRO B 427 -10.83 38.65 5.11
CA PRO B 427 -10.16 39.53 6.09
C PRO B 427 -8.96 38.85 6.74
N TYR B 428 -7.94 39.67 7.03
CA TYR B 428 -6.80 39.16 7.79
C TYR B 428 -7.25 38.69 9.16
N LYS B 429 -6.92 37.45 9.50
CA LYS B 429 -7.49 36.77 10.66
C LYS B 429 -6.49 36.51 11.78
N GLY B 430 -5.24 36.92 11.62
CA GLY B 430 -4.24 36.66 12.64
C GLY B 430 -3.77 35.21 12.67
N ALA B 431 -3.35 34.77 13.86
CA ALA B 431 -2.69 33.47 13.98
C ALA B 431 -3.67 32.33 13.75
N LEU B 432 -3.21 31.32 13.01
CA LEU B 432 -4.02 30.14 12.75
C LEU B 432 -4.52 29.50 14.04
N SER B 433 -3.70 29.49 15.08
CA SER B 433 -4.06 28.77 16.30
C SER B 433 -5.40 29.23 16.84
N ALA B 434 -5.70 30.53 16.72
CA ALA B 434 -6.96 31.04 17.28
C ALA B 434 -8.17 30.52 16.52
N ILE B 435 -8.06 30.41 15.19
CA ILE B 435 -9.16 29.86 14.40
C ILE B 435 -9.35 28.38 14.73
N VAL B 436 -8.26 27.63 14.83
CA VAL B 436 -8.34 26.22 15.19
C VAL B 436 -8.99 26.07 16.56
N HIS B 437 -8.61 26.93 17.51
CA HIS B 437 -9.19 26.85 18.85
C HIS B 437 -10.69 27.04 18.81
N GLN B 438 -11.17 27.98 17.98
CA GLN B 438 -12.60 28.25 17.91
C GLN B 438 -13.31 27.10 17.21
N LEU B 439 -12.71 26.55 16.17
CA LEU B 439 -13.32 25.43 15.48
C LEU B 439 -13.41 24.19 16.38
N MET B 440 -12.34 23.89 17.10
CA MET B 440 -12.36 22.71 17.96
C MET B 440 -13.25 22.95 19.17
N GLY B 441 -13.35 24.21 19.64
CA GLY B 441 -14.29 24.50 20.71
C GLY B 441 -15.73 24.24 20.34
N GLY B 442 -16.10 24.56 19.10
CA GLY B 442 -17.46 24.28 18.65
C GLY B 442 -17.73 22.79 18.49
N LEU B 443 -16.76 22.06 17.95
CA LEU B 443 -16.90 20.62 17.85
C LEU B 443 -17.00 19.99 19.23
N ARG B 444 -16.15 20.39 20.16
CA ARG B 444 -16.24 19.89 21.54
C ARG B 444 -17.61 20.20 22.15
N ALA B 445 -18.14 21.40 21.93
CA ALA B 445 -19.47 21.73 22.44
C ALA B 445 -20.52 20.81 21.84
N ALA B 446 -20.44 20.54 20.53
CA ALA B 446 -21.39 19.66 19.88
C ALA B 446 -21.31 18.24 20.44
N MET B 447 -20.10 17.75 20.69
CA MET B 447 -19.95 16.41 21.24
C MET B 447 -20.52 16.36 22.66
N GLY B 448 -20.31 17.40 23.45
CA GLY B 448 -20.95 17.45 24.76
C GLY B 448 -22.46 17.47 24.67
N TYR B 449 -23.00 18.26 23.74
CA TYR B 449 -24.45 18.35 23.58
C TYR B 449 -25.06 17.01 23.15
N THR B 450 -24.32 16.21 22.39
CA THR B 450 -24.86 14.96 21.86
C THR B 450 -24.46 13.75 22.71
N GLY B 451 -23.64 13.96 23.73
CA GLY B 451 -23.17 12.86 24.55
C GLY B 451 -22.11 12.00 23.91
N SER B 452 -21.35 12.55 22.95
CA SER B 452 -20.33 11.80 22.23
C SER B 452 -18.98 12.04 22.90
N ALA B 453 -18.38 10.96 23.42
CA ALA B 453 -17.12 11.06 24.15
C ALA B 453 -15.90 11.01 23.24
N ASP B 454 -16.05 10.57 21.99
CA ASP B 454 -14.93 10.48 21.05
C ASP B 454 -15.48 10.54 19.64
N ILE B 455 -14.57 10.57 18.67
CA ILE B 455 -14.99 10.82 17.29
C ILE B 455 -15.80 9.64 16.74
N GLN B 456 -15.43 8.41 17.13
CA GLN B 456 -16.17 7.26 16.63
C GLN B 456 -17.63 7.33 17.06
N GLN B 457 -17.88 7.75 18.31
CA GLN B 457 -19.27 7.89 18.76
C GLN B 457 -19.95 9.05 18.03
N MET B 458 -19.24 10.17 17.85
CA MET B 458 -19.82 11.31 17.17
C MET B 458 -20.22 10.98 15.73
N ARG B 459 -19.44 10.14 15.06
CA ARG B 459 -19.72 9.78 13.68
C ARG B 459 -20.91 8.83 13.56
N THR B 460 -21.21 8.06 14.60
CA THR B 460 -22.13 6.94 14.47
C THR B 460 -23.39 7.04 15.32
N GLN B 461 -23.42 7.88 16.35
CA GLN B 461 -24.54 7.80 17.27
C GLN B 461 -25.52 8.99 17.19
N PRO B 462 -25.08 10.23 17.11
CA PRO B 462 -26.05 11.35 17.19
C PRO B 462 -26.99 11.40 16.00
N GLN B 463 -28.09 12.10 16.20
CA GLN B 463 -29.15 12.21 15.21
C GLN B 463 -29.38 13.66 14.79
N PHE B 464 -29.89 13.82 13.57
CA PHE B 464 -30.27 15.13 13.05
C PHE B 464 -31.78 15.31 13.12
N VAL B 465 -32.22 16.56 13.20
CA VAL B 465 -33.56 16.91 12.75
C VAL B 465 -33.42 17.64 11.42
N ARG B 466 -34.39 17.42 10.54
CA ARG B 466 -34.51 18.22 9.32
C ARG B 466 -35.32 19.47 9.63
N ILE B 467 -34.87 20.61 9.12
CA ILE B 467 -35.53 21.88 9.38
C ILE B 467 -35.89 22.55 8.06
N THR B 468 -36.71 23.60 8.16
CA THR B 468 -37.09 24.42 7.03
C THR B 468 -36.23 25.68 6.99
N GLY B 469 -36.45 26.51 5.96
CA GLY B 469 -35.77 27.80 5.92
C GLY B 469 -36.01 28.63 7.17
N ALA B 470 -37.22 28.56 7.73
CA ALA B 470 -37.51 29.32 8.93
C ALA B 470 -36.69 28.82 10.12
N GLY B 471 -36.45 27.50 10.19
CA GLY B 471 -35.67 26.96 11.30
C GLY B 471 -34.24 27.45 11.31
N MET B 472 -33.66 27.63 10.12
CA MET B 472 -32.29 28.14 10.04
C MET B 472 -32.22 29.60 10.45
N ALA B 473 -33.26 30.38 10.11
CA ALA B 473 -33.30 31.78 10.52
C ALA B 473 -33.34 31.90 12.04
N GLU B 474 -34.19 31.11 12.70
CA GLU B 474 -34.25 31.12 14.15
C GLU B 474 -32.90 30.78 14.77
N SER B 475 -32.01 30.11 14.02
CA SER B 475 -30.80 29.58 14.64
C SER B 475 -29.65 30.56 14.51
N HIS B 476 -29.70 31.43 13.49
CA HIS B 476 -28.84 32.60 13.45
C HIS B 476 -29.26 33.60 14.52
N VAL B 477 -28.40 34.60 14.71
CA VAL B 477 -28.80 35.81 15.43
C VAL B 477 -29.96 36.44 14.65
N HIS B 478 -31.01 36.85 15.37
CA HIS B 478 -32.17 37.43 14.70
C HIS B 478 -32.79 38.50 15.58
N ASP B 479 -33.27 39.57 14.93
CA ASP B 479 -34.07 40.62 15.56
C ASP B 479 -33.30 41.42 16.59
N VAL B 480 -31.97 41.49 16.45
CA VAL B 480 -31.14 42.26 17.38
C VAL B 480 -29.96 42.84 16.63
N GLN B 481 -29.74 44.15 16.78
CA GLN B 481 -28.51 44.78 16.34
C GLN B 481 -27.31 44.18 17.04
N ILE B 482 -26.30 43.78 16.27
CA ILE B 482 -25.09 43.22 16.85
C ILE B 482 -24.04 44.33 16.98
PG ATP C . -27.14 -27.86 -10.35
O1G ATP C . -26.51 -29.14 -10.81
O2G ATP C . -26.17 -26.71 -10.16
O3G ATP C . -28.09 -28.02 -9.17
PB ATP C . -27.82 -26.42 -12.78
O1B ATP C . -28.58 -26.92 -13.99
O2B ATP C . -26.33 -26.22 -12.88
O3B ATP C . -28.15 -27.41 -11.54
PA ATP C . -28.98 -23.80 -13.12
O1A ATP C . -27.93 -23.38 -14.10
O2A ATP C . -29.45 -22.78 -12.10
O3A ATP C . -28.55 -25.09 -12.25
O5' ATP C . -30.21 -24.31 -14.04
C5' ATP C . -31.44 -24.77 -13.52
C4' ATP C . -32.54 -24.52 -14.56
O4' ATP C . -32.65 -23.09 -14.78
C3' ATP C . -32.36 -25.15 -15.94
O3' ATP C . -33.66 -25.50 -16.45
C2' ATP C . -31.74 -24.05 -16.80
O2' ATP C . -32.09 -24.12 -18.18
C1' ATP C . -32.33 -22.79 -16.17
N9 ATP C . -31.50 -21.58 -16.27
C8 ATP C . -30.24 -21.46 -15.87
N7 ATP C . -29.80 -20.20 -16.14
C5 ATP C . -30.80 -19.53 -16.73
C6 ATP C . -31.00 -18.18 -17.28
N6 ATP C . -30.02 -17.26 -17.24
N1 ATP C . -32.21 -17.88 -17.81
C2 ATP C . -33.22 -18.77 -17.86
N3 ATP C . -33.10 -20.02 -17.38
C4 ATP C . -31.93 -20.45 -16.83
H5'1 ATP C . -31.38 -25.85 -13.31
H5'2 ATP C . -31.68 -24.26 -12.59
H4' ATP C . -33.49 -24.89 -14.14
H3' ATP C . -31.69 -26.02 -15.89
H2' ATP C . -30.64 -24.06 -16.67
HO2' ATP C . -31.31 -24.32 -18.70
H1' ATP C . -33.27 -22.59 -16.70
H8 ATP C . -29.65 -22.24 -15.39
HN61 ATP C . -29.12 -17.50 -16.85
HN62 ATP C . -30.17 -16.33 -17.61
H2 ATP C . -34.16 -18.47 -18.30
PB GDP D . -22.27 -26.11 -13.76
O1B GDP D . -22.06 -27.57 -13.48
O2B GDP D . -22.42 -25.89 -15.24
O3B GDP D . -23.50 -25.64 -13.02
O3A GDP D . -20.94 -25.38 -13.21
PA GDP D . -20.87 -24.01 -12.38
O1A GDP D . -21.36 -24.30 -10.98
O2A GDP D . -21.55 -22.86 -13.06
O5' GDP D . -19.28 -23.75 -12.37
C5' GDP D . -18.60 -23.76 -13.62
C4' GDP D . -17.24 -23.15 -13.39
O4' GDP D . -16.43 -23.32 -14.57
C3' GDP D . -17.28 -21.65 -13.09
O3' GDP D . -16.34 -21.36 -12.04
C2' GDP D . -16.84 -20.94 -14.37
O2' GDP D . -16.13 -19.72 -14.18
C1' GDP D . -15.95 -22.02 -15.01
N9 GDP D . -15.85 -21.94 -16.47
C8 GDP D . -14.70 -21.75 -17.14
N7 GDP D . -14.97 -21.69 -18.47
C5 GDP D . -16.30 -21.85 -18.62
C6 GDP D . -17.26 -21.88 -19.76
O6 GDP D . -16.85 -21.75 -20.93
N1 GDP D . -18.57 -22.07 -19.50
C2 GDP D . -19.01 -22.20 -18.22
N2 GDP D . -20.32 -22.38 -18.05
N3 GDP D . -18.20 -22.17 -17.13
C4 GDP D . -16.87 -22.01 -17.28
H4' GDP D . -16.75 -23.67 -12.54
H3' GDP D . -18.29 -21.35 -12.82
HO3' GDP D . -16.79 -20.83 -11.36
H2' GDP D . -17.72 -20.76 -15.00
HO2' GDP D . -16.69 -18.98 -14.42
H1' GDP D . -14.95 -21.88 -14.59
H8 GDP D . -13.72 -21.66 -16.70
HN1 GDP D . -19.22 -22.09 -20.27
HN21 GDP D . -20.69 -22.47 -17.14
HN22 GDP D . -20.94 -22.39 -18.85
P IMP E . 13.62 -26.03 -0.70
O1P IMP E . 13.09 -27.42 -0.94
O2P IMP E . 14.67 -25.90 0.39
O3P IMP E . 12.42 -25.13 -0.40
O5' IMP E . 14.33 -25.57 -2.04
C5' IMP E . 13.62 -25.40 -3.26
C4' IMP E . 14.45 -24.62 -4.25
O4' IMP E . 15.69 -25.32 -4.54
C3' IMP E . 13.84 -24.41 -5.64
O3' IMP E . 12.87 -23.39 -5.65
C2' IMP E . 15.07 -24.12 -6.50
O2' IMP E . 15.48 -22.76 -6.39
C1' IMP E . 16.15 -24.99 -5.84
N9 IMP E . 16.40 -26.24 -6.59
C8 IMP E . 15.50 -27.16 -7.03
N7 IMP E . 16.19 -28.14 -7.66
C5 IMP E . 17.51 -27.85 -7.64
C6 IMP E . 18.64 -28.50 -8.13
O6 IMP E . 18.60 -29.72 -8.25
N1 IMP E . 19.88 -27.91 -7.94
C2 IMP E . 19.99 -26.71 -7.26
N3 IMP E . 18.87 -26.08 -6.77
C4 IMP E . 17.65 -26.64 -6.96
H5'1 IMP E . 12.69 -24.88 -3.07
H5'2 IMP E . 13.38 -26.38 -3.67
H4' IMP E . 14.66 -23.64 -3.82
H3' IMP E . 13.40 -25.35 -5.97
H2' IMP E . 14.90 -24.42 -7.53
HO2' IMP E . 16.22 -22.67 -5.75
H1' IMP E . 17.07 -24.42 -5.77
H8 IMP E . 14.42 -27.16 -6.85
HN1 IMP E . 20.73 -28.37 -8.31
H2 IMP E . 20.87 -26.11 -7.47
MG MG F . -24.82 -26.16 -11.55
K K G . 21.71 -27.69 -0.23
C ACT H . 25.58 -23.91 -14.59
O ACT H . 25.90 -24.80 -13.77
OXT ACT H . 24.64 -23.89 -15.44
CH3 ACT H . 26.48 -22.69 -14.55
H1 ACT H . 26.91 -22.57 -15.41
H2 ACT H . 25.93 -21.90 -14.39
H3 ACT H . 27.16 -22.76 -13.86
C ACT I . 9.78 -31.91 -22.27
O ACT I . 9.04 -32.82 -22.72
OXT ACT I . 9.95 -30.81 -22.83
CH3 ACT I . 10.51 -32.16 -20.95
H1 ACT I . 9.86 -32.31 -20.25
H2 ACT I . 11.01 -31.37 -20.71
H3 ACT I . 11.10 -32.92 -21.01
PG ATP J . 22.77 30.47 21.49
O1G ATP J . 22.82 31.54 20.43
O2G ATP J . 21.74 29.38 21.24
O3G ATP J . 22.71 31.04 22.89
PB ATP J . 24.69 28.43 20.62
O1B ATP J . 23.67 28.01 19.61
O2B ATP J . 26.12 28.61 20.18
O3B ATP J . 24.24 29.75 21.44
PA ATP J . 25.46 25.97 21.98
O1A ATP J . 25.25 25.14 20.75
O2A ATP J . 24.94 25.43 23.28
O3A ATP J . 24.74 27.42 21.89
O5' ATP J . 27.04 26.27 22.02
C5' ATP J . 27.61 27.08 23.03
C4' ATP J . 29.07 26.68 23.16
O4' ATP J . 29.17 25.29 23.58
C3' ATP J . 29.90 26.76 21.87
O3' ATP J . 31.25 27.06 22.27
C2' ATP J . 29.85 25.36 21.25
O2' ATP J . 30.99 25.05 20.44
C1' ATP J . 29.78 24.50 22.53
N9 ATP J . 29.10 23.22 22.34
C8 ATP J . 27.89 23.04 21.77
N7 ATP J . 27.61 21.72 21.75
C5 ATP J . 28.66 21.07 22.28
C6 ATP J . 28.99 19.67 22.54
N6 ATP J . 28.11 18.73 22.20
N1 ATP J . 30.18 19.37 23.12
C2 ATP J . 31.06 20.33 23.46
N3 ATP J . 30.81 21.64 23.25
C4 ATP J . 29.64 22.06 22.67
H5'1 ATP J . 27.53 28.12 22.74
H5'2 ATP J . 27.08 26.92 23.97
H4' ATP J . 29.53 27.32 23.91
H3' ATP J . 29.50 27.52 21.19
H2' ATP J . 28.93 25.26 20.68
HO2' ATP J . 30.71 25.04 19.51
H1' ATP J . 30.81 24.30 22.84
H8 ATP J . 27.25 23.83 21.41
HN61 ATP J . 27.24 19.00 21.76
HN62 ATP J . 28.29 17.77 22.35
H2 ATP J . 31.99 20.05 23.92
PB GDP K . 21.18 27.12 16.38
O1B GDP K . 21.51 26.94 17.85
O2B GDP K . 20.96 28.59 16.10
O3B GDP K . 22.31 26.62 15.52
O3A GDP K . 19.84 26.33 15.98
PA GDP K . 19.04 25.35 16.98
O1A GDP K . 19.83 24.16 17.43
O2A GDP K . 18.47 26.12 18.14
O5' GDP K . 17.87 24.89 15.97
C5' GDP K . 18.24 24.26 14.74
C4' GDP K . 16.96 23.65 14.21
O4' GDP K . 17.11 23.34 12.82
C3' GDP K . 16.52 22.35 14.91
O3' GDP K . 15.08 22.37 15.00
C2' GDP K . 16.99 21.21 13.99
O2' GDP K . 16.18 20.05 14.02
C1' GDP K . 16.90 21.91 12.62
N9 GDP K . 17.80 21.37 11.60
C8 GDP K . 17.41 20.80 10.45
N7 GDP K . 18.49 20.38 9.75
C5 GDP K . 19.59 20.72 10.50
C6 GDP K . 21.05 20.58 10.35
O6 GDP K . 21.53 20.02 9.33
N1 GDP K . 21.83 21.05 11.33
C2 GDP K . 21.30 21.65 12.43
N2 GDP K . 22.15 22.11 13.36
N3 GDP K . 19.97 21.82 12.64
C4 GDP K . 19.11 21.37 11.71
H4' GDP K . 16.15 24.39 14.34
H3' GDP K . 16.99 22.26 15.89
HO3' GDP K . 14.83 22.18 15.91
H2' GDP K . 18.03 20.97 14.21
HO2' GDP K . 16.68 19.32 14.41
H1' GDP K . 15.87 21.77 12.27
H8 GDP K . 16.38 20.67 10.15
HN1 GDP K . 22.84 20.97 11.24
HN21 GDP K . 21.80 22.55 14.19
HN22 GDP K . 23.15 22.00 13.23
P IMP L . -13.92 26.21 1.34
O1P IMP L . -15.43 26.33 1.42
O2P IMP L . -13.36 27.56 0.97
O3P IMP L . -13.38 25.59 2.62
O5' IMP L . -13.66 25.22 0.12
C5' IMP L . -12.35 24.85 -0.28
C4' IMP L . -12.38 23.70 -1.26
O4' IMP L . -12.99 24.12 -2.50
C3' IMP L . -11.03 23.15 -1.67
O3' IMP L . -10.45 22.30 -0.70
C2' IMP L . -11.33 22.48 -3.00
O2' IMP L . -11.88 21.18 -2.83
C1' IMP L . -12.44 23.39 -3.58
N9 IMP L . -11.94 24.33 -4.59
C8 IMP L . -10.92 25.24 -4.47
N7 IMP L . -10.81 25.92 -5.62
C5 IMP L . -11.74 25.49 -6.50
C6 IMP L . -12.07 25.85 -7.80
O6 IMP L . -11.78 26.97 -8.21
N1 IMP L . -13.10 25.20 -8.44
C2 IMP L . -13.79 24.20 -7.80
N3 IMP L . -13.47 23.85 -6.49
C4 IMP L . -12.46 24.48 -5.85
H5'1 IMP L . -11.78 24.57 0.60
H5'2 IMP L . -11.86 25.71 -0.74
H4' IMP L . -12.96 22.89 -0.82
H3' IMP L . -10.36 23.99 -1.86
H2' IMP L . -10.45 22.48 -3.65
HO2' IMP L . -12.85 21.21 -2.91
H1' IMP L . -13.21 22.76 -4.03
H8 IMP L . -10.31 25.39 -3.57
HN1 IMP L . -13.31 25.41 -9.44
H2 IMP L . -14.51 23.60 -8.34
MG MG M . 21.64 28.33 19.50
K K N . -20.01 26.77 -4.48
C ACT O . -14.37 16.92 -15.67
O ACT O . -14.63 15.70 -15.81
OXT ACT O . -15.15 17.91 -15.59
CH3 ACT O . -12.88 17.23 -15.66
H1 ACT O . -12.47 16.80 -14.90
H2 ACT O . -12.46 16.85 -16.46
H3 ACT O . -12.71 18.18 -15.63
C ACT P . 3.95 25.44 -12.70
O ACT P . 5.02 25.02 -13.18
OXT ACT P . 3.84 26.55 -12.15
CH3 ACT P . 2.72 24.56 -12.81
H1 ACT P . 2.02 25.03 -13.30
H2 ACT P . 2.92 23.76 -13.31
H3 ACT P . 2.37 24.31 -11.93
#